data_9ASW
#
_entry.id   9ASW
#
_cell.length_a   55.278
_cell.length_b   98.378
_cell.length_c   58.949
_cell.angle_alpha   90.00
_cell.angle_beta   107.99
_cell.angle_gamma   90.00
#
_symmetry.space_group_name_H-M   'P 1 21 1'
#
loop_
_entity.id
_entity.type
_entity.pdbx_description
1 polymer '3C-like proteinase nsp5'
2 non-polymer '(1R,2S)-2-({N-[({(2S)-1-[(3-fluorophenyl)methyl]-5-oxopyrrolidin-2-yl}methoxy)carbonyl]-L-leucyl}amino)-1-hydroxy-3-[(3S)-2-oxopyrrolidin-3-yl]propane-1-sulfonic acid'
3 non-polymer '(1S,2S)-2-({N-[({(2S)-1-[(3-fluorophenyl)methyl]-5-oxopyrrolidin-2-yl}methoxy)carbonyl]-L-leucyl}amino)-1-hydroxy-3-[(3S)-2-oxopyrrolidin-3-yl]propane-1-sulfonic acid'
4 non-polymer 'TETRAETHYLENE GLYCOL'
5 water water
#
_entity_poly.entity_id   1
_entity_poly.type   'polypeptide(L)'
_entity_poly.pdbx_seq_one_letter_code
;SNIGSGFRKMAFPSGKVEGCMVQVTCGTTTLNGLWLDDVVYCPRHVICTSEDMLNPNYEDLLIRKSNHNFLVQAGNVQLR
VIGHSMQNCVLKLKVDTANPKTPKYKFVRIQPGQTFSVLACYNGSPSGVYQCAMRPNFTIKGSFLNGSCGSVGFNIDYDC
VSFCYMHHMELPTGVHAGTDLEGNFYGPFVDRQTAQAAGTDTTITVNVLAWLYAAVINGDRWFLNRFTTTLNDFNLVAMK
YNYEPLTQDHVDILGPLSAQTGIAVLDMCASLKELLQNGMNGRTILGSALLEDEFTPFDVVRQCSGVT
;
_entity_poly.pdbx_strand_id   A,B
#
loop_
_chem_comp.id
_chem_comp.type
_chem_comp.name
_chem_comp.formula
A1AGA non-polymer '(1S,2S)-2-({N-[({(2S)-1-[(3-fluorophenyl)methyl]-5-oxopyrrolidin-2-yl}methoxy)carbonyl]-L-leucyl}amino)-1-hydroxy-3-[(3S)-2-oxopyrrolidin-3-yl]propane-1-sulfonic acid' 'C26 H37 F N4 O9 S'
A1AGB non-polymer '(1R,2S)-2-({N-[({(2S)-1-[(3-fluorophenyl)methyl]-5-oxopyrrolidin-2-yl}methoxy)carbonyl]-L-leucyl}amino)-1-hydroxy-3-[(3S)-2-oxopyrrolidin-3-yl]propane-1-sulfonic acid' 'C26 H37 F N4 O9 S'
PG4 non-polymer 'TETRAETHYLENE GLYCOL' 'C8 H18 O5'
#
# COMPACT_ATOMS: atom_id res chain seq x y z
N PHE A 7 -5.70 -7.07 -9.03
CA PHE A 7 -5.23 -5.73 -9.34
C PHE A 7 -5.35 -4.74 -8.16
N ARG A 8 -4.19 -4.33 -7.63
CA ARG A 8 -4.08 -3.65 -6.35
C ARG A 8 -3.48 -2.26 -6.52
N LYS A 9 -3.84 -1.36 -5.61
CA LYS A 9 -3.12 -0.11 -5.44
C LYS A 9 -1.70 -0.42 -5.02
N MET A 10 -0.74 -0.01 -5.83
CA MET A 10 0.65 -0.34 -5.59
C MET A 10 1.43 0.95 -5.40
N ALA A 11 2.12 1.05 -4.28
CA ALA A 11 2.98 2.19 -4.01
C ALA A 11 4.39 1.91 -4.50
N PHE A 12 5.12 2.98 -4.77
CA PHE A 12 6.55 2.86 -5.05
C PHE A 12 7.29 2.40 -3.81
N PRO A 13 8.38 1.64 -3.99
CA PRO A 13 9.20 1.27 -2.83
C PRO A 13 9.73 2.54 -2.19
N SER A 14 9.65 2.60 -0.87
CA SER A 14 9.81 3.85 -0.13
C SER A 14 11.22 4.05 0.43
N GLY A 15 12.13 3.10 0.23
CA GLY A 15 13.39 3.19 0.94
C GLY A 15 14.20 4.44 0.63
N LYS A 16 14.21 4.87 -0.62
CA LYS A 16 14.98 6.07 -0.93
C LYS A 16 14.46 7.28 -0.17
N VAL A 17 13.16 7.31 0.14
CA VAL A 17 12.60 8.43 0.89
C VAL A 17 12.78 8.25 2.39
N GLU A 18 12.71 7.00 2.90
CA GLU A 18 12.89 6.77 4.33
C GLU A 18 14.22 7.35 4.80
N GLY A 19 15.24 7.20 3.97
CA GLY A 19 16.57 7.65 4.32
C GLY A 19 16.71 9.15 4.39
N CYS A 20 15.63 9.87 4.06
CA CYS A 20 15.64 11.32 4.13
C CYS A 20 14.80 11.88 5.24
N MET A 21 14.06 11.06 5.99
CA MET A 21 13.12 11.60 6.96
C MET A 21 13.83 11.86 8.28
N VAL A 22 13.55 13.03 8.85
CA VAL A 22 14.05 13.43 10.14
C VAL A 22 12.92 14.06 10.94
N GLN A 23 13.21 14.33 12.21
CA GLN A 23 12.30 14.99 13.12
C GLN A 23 12.75 16.43 13.29
N VAL A 24 11.78 17.36 13.32
CA VAL A 24 12.01 18.78 13.51
C VAL A 24 11.12 19.28 14.64
N THR A 25 11.70 19.99 15.60
CA THR A 25 10.97 20.45 16.77
C THR A 25 11.23 21.92 16.99
N CYS A 26 10.15 22.65 17.26
CA CYS A 26 10.22 24.04 17.70
C CYS A 26 9.24 24.15 18.85
N GLY A 27 9.74 24.45 20.04
CA GLY A 27 8.84 24.57 21.19
C GLY A 27 8.23 23.23 21.54
N THR A 28 6.89 23.20 21.67
CA THR A 28 6.17 21.96 21.92
C THR A 28 5.60 21.34 20.65
N THR A 29 6.00 21.83 19.48
CA THR A 29 5.49 21.32 18.21
C THR A 29 6.55 20.44 17.56
N THR A 30 6.16 19.22 17.17
CA THR A 30 7.08 18.31 16.53
C THR A 30 6.44 17.78 15.25
N LEU A 31 7.17 17.81 14.15
CA LEU A 31 6.70 17.17 12.92
C LEU A 31 7.92 16.63 12.19
N ASN A 32 7.70 16.17 10.95
CA ASN A 32 8.77 15.56 10.16
C ASN A 32 9.41 16.57 9.22
N GLY A 33 10.69 16.33 8.87
CA GLY A 33 11.33 17.04 7.80
C GLY A 33 11.97 16.10 6.79
N LEU A 34 12.24 16.65 5.62
CA LEU A 34 12.87 15.95 4.51
C LEU A 34 14.29 16.50 4.34
N TRP A 35 15.28 15.62 4.52
CA TRP A 35 16.71 15.99 4.57
C TRP A 35 17.36 15.57 3.27
N LEU A 36 17.65 16.57 2.42
CA LEU A 36 18.27 16.37 1.13
C LEU A 36 19.56 17.19 1.11
N ASP A 37 20.67 16.51 0.82
CA ASP A 37 22.00 17.12 0.92
C ASP A 37 22.12 17.80 2.28
N ASP A 38 22.34 19.13 2.35
CA ASP A 38 22.49 19.79 3.65
C ASP A 38 21.31 20.68 4.01
N VAL A 39 20.11 20.37 3.51
CA VAL A 39 18.93 21.19 3.77
C VAL A 39 17.81 20.30 4.25
N VAL A 40 17.09 20.73 5.28
CA VAL A 40 15.91 20.06 5.78
C VAL A 40 14.68 20.91 5.45
N TYR A 41 13.71 20.28 4.79
CA TYR A 41 12.48 20.94 4.38
C TYR A 41 11.36 20.48 5.30
N CYS A 42 10.55 21.42 5.77
CA CYS A 42 9.42 21.04 6.61
C CYS A 42 8.36 22.11 6.55
N PRO A 43 7.16 21.83 7.05
CA PRO A 43 6.09 22.82 7.05
C PRO A 43 6.44 23.96 7.99
N ARG A 44 6.19 25.19 7.53
CA ARG A 44 6.58 26.30 8.36
C ARG A 44 5.73 26.42 9.61
N HIS A 45 4.53 25.85 9.64
CA HIS A 45 3.74 26.00 10.86
C HIS A 45 4.37 25.32 12.08
N VAL A 46 5.51 24.64 11.94
CA VAL A 46 6.17 24.13 13.13
C VAL A 46 6.56 25.30 14.04
N ILE A 47 6.65 26.53 13.51
CA ILE A 47 7.07 27.66 14.33
C ILE A 47 5.90 28.32 15.04
N CYS A 48 4.72 27.74 14.93
CA CYS A 48 3.53 28.34 15.56
C CYS A 48 3.16 27.67 16.88
N THR A 49 2.61 28.42 17.83
CA THR A 49 2.06 27.96 19.10
C THR A 49 0.53 27.88 18.96
N SER A 50 -0.19 28.03 20.07
CA SER A 50 -1.64 28.15 20.00
C SER A 50 -2.07 29.55 19.62
N GLU A 51 -1.73 30.54 20.44
CA GLU A 51 -2.07 31.92 20.11
C GLU A 51 -1.63 32.29 18.70
N ASP A 52 -0.70 31.54 18.11
CA ASP A 52 -0.25 31.79 16.75
C ASP A 52 -1.15 31.17 15.69
N MET A 53 -1.90 30.13 16.05
CA MET A 53 -2.46 29.22 15.06
C MET A 53 -3.54 29.88 14.22
N LEU A 54 -4.30 30.82 14.78
CA LEU A 54 -5.51 31.29 14.11
C LEU A 54 -5.24 32.37 13.05
N ASN A 55 -4.16 33.13 13.16
CA ASN A 55 -3.78 34.10 12.13
C ASN A 55 -2.28 34.37 12.23
N PRO A 56 -1.47 33.41 11.79
CA PRO A 56 -0.01 33.51 11.93
C PRO A 56 0.62 34.42 10.90
N ASN A 57 1.29 35.47 11.37
CA ASN A 57 2.12 36.29 10.48
C ASN A 57 3.48 35.63 10.39
N TYR A 58 3.64 34.72 9.43
CA TYR A 58 4.80 33.85 9.43
C TYR A 58 6.11 34.62 9.28
N GLU A 59 6.14 35.65 8.45
CA GLU A 59 7.37 36.45 8.32
C GLU A 59 7.76 37.04 9.68
N ASP A 60 6.77 37.48 10.46
CA ASP A 60 7.00 38.01 11.79
C ASP A 60 7.49 36.93 12.75
N LEU A 61 6.85 35.76 12.74
CA LEU A 61 7.28 34.67 13.62
C LEU A 61 8.66 34.17 13.26
N LEU A 62 9.00 34.19 11.97
CA LEU A 62 10.27 33.64 11.54
C LEU A 62 11.44 34.54 11.92
N ILE A 63 11.23 35.86 11.85
CA ILE A 63 12.35 36.76 12.15
C ILE A 63 12.71 36.70 13.64
N ARG A 64 11.75 36.32 14.50
CA ARG A 64 11.98 36.19 15.92
C ARG A 64 12.61 34.86 16.32
N LYS A 65 12.88 33.98 15.36
CA LYS A 65 13.52 32.70 15.62
C LYS A 65 15.02 32.77 15.38
N SER A 66 15.75 31.96 16.14
CA SER A 66 17.17 31.76 15.92
C SER A 66 17.41 30.32 15.47
N ASN A 67 18.52 30.11 14.78
CA ASN A 67 18.89 28.75 14.35
C ASN A 67 18.79 27.75 15.49
N HIS A 68 19.17 28.14 16.70
CA HIS A 68 19.18 27.20 17.81
C HIS A 68 17.81 26.91 18.39
N ASN A 69 16.76 27.62 17.95
CA ASN A 69 15.41 27.28 18.38
C ASN A 69 14.89 26.03 17.70
N PHE A 70 15.53 25.60 16.61
CA PHE A 70 15.10 24.47 15.81
C PHE A 70 15.89 23.24 16.22
N LEU A 71 15.20 22.21 16.67
CA LEU A 71 15.83 20.94 17.01
C LEU A 71 15.56 19.92 15.91
N VAL A 72 16.62 19.52 15.21
CA VAL A 72 16.53 18.56 14.12
C VAL A 72 17.26 17.30 14.54
N GLN A 73 16.59 16.16 14.44
CA GLN A 73 17.18 14.89 14.85
C GLN A 73 17.04 13.88 13.74
N ALA A 74 18.16 13.33 13.29
CA ALA A 74 18.19 12.15 12.44
C ALA A 74 18.43 10.94 13.35
N GLY A 75 17.38 10.18 13.58
CA GLY A 75 17.47 9.15 14.60
C GLY A 75 17.70 9.80 15.95
N ASN A 76 18.85 9.49 16.56
CA ASN A 76 19.20 10.05 17.86
C ASN A 76 20.29 11.11 17.74
N VAL A 77 20.83 11.36 16.56
CA VAL A 77 21.84 12.38 16.36
C VAL A 77 21.16 13.69 16.01
N GLN A 78 21.49 14.73 16.76
CA GLN A 78 21.05 16.08 16.44
C GLN A 78 21.87 16.61 15.28
N LEU A 79 21.21 17.31 14.36
CA LEU A 79 21.86 18.03 13.28
C LEU A 79 21.82 19.50 13.61
N ARG A 80 22.96 20.17 13.55
CA ARG A 80 23.02 21.56 13.93
C ARG A 80 22.53 22.42 12.78
N VAL A 81 21.54 23.25 13.06
CA VAL A 81 20.99 24.21 12.11
C VAL A 81 21.93 25.41 12.02
N ILE A 82 22.50 25.64 10.83
CA ILE A 82 23.39 26.76 10.57
C ILE A 82 22.74 27.84 9.71
N GLY A 83 21.46 27.70 9.40
CA GLY A 83 20.81 28.68 8.54
C GLY A 83 19.35 28.32 8.38
N HIS A 84 18.50 29.30 8.11
CA HIS A 84 17.09 29.01 7.88
C HIS A 84 16.51 30.06 6.96
N SER A 85 15.60 29.63 6.10
CA SER A 85 14.84 30.54 5.26
C SER A 85 13.46 29.95 5.07
N MET A 86 12.58 30.73 4.48
CA MET A 86 11.21 30.34 4.22
C MET A 86 10.93 30.49 2.74
N GLN A 87 10.33 29.47 2.13
CA GLN A 87 9.87 29.54 0.74
C GLN A 87 8.40 29.18 0.77
N ASN A 88 7.55 30.16 0.54
CA ASN A 88 6.11 29.98 0.67
C ASN A 88 5.80 29.31 2.00
N CYS A 89 5.11 28.18 2.01
CA CYS A 89 4.72 27.57 3.27
C CYS A 89 5.71 26.52 3.76
N VAL A 90 6.90 26.43 3.17
CA VAL A 90 7.95 25.49 3.57
C VAL A 90 9.12 26.23 4.19
N LEU A 91 9.58 25.71 5.31
CA LEU A 91 10.78 26.17 5.96
C LEU A 91 11.94 25.32 5.48
N LYS A 92 13.07 25.96 5.22
CA LYS A 92 14.29 25.30 4.74
C LYS A 92 15.36 25.56 5.77
N LEU A 93 15.80 24.49 6.44
CA LEU A 93 16.80 24.57 7.51
C LEU A 93 18.13 24.03 6.99
N LYS A 94 19.13 24.91 6.87
CA LYS A 94 20.46 24.47 6.46
C LYS A 94 21.13 23.82 7.67
N VAL A 95 21.71 22.64 7.47
CA VAL A 95 22.36 21.93 8.56
C VAL A 95 23.83 21.71 8.20
N ASP A 96 24.63 21.40 9.21
CA ASP A 96 26.07 21.27 9.03
C ASP A 96 26.50 19.91 8.52
N THR A 97 25.57 19.00 8.29
CA THR A 97 25.87 17.64 7.85
C THR A 97 25.09 17.36 6.58
N ALA A 98 25.74 16.71 5.62
CA ALA A 98 25.08 16.30 4.40
C ALA A 98 24.55 14.90 4.59
N ASN A 99 23.39 14.63 4.00
CA ASN A 99 22.78 13.31 4.07
C ASN A 99 23.35 12.42 2.97
N PRO A 100 24.21 11.44 3.31
CA PRO A 100 24.78 10.58 2.26
C PRO A 100 23.75 9.72 1.59
N LYS A 101 22.58 9.56 2.18
CA LYS A 101 21.52 8.77 1.58
C LYS A 101 20.62 9.57 0.65
N THR A 102 20.97 10.82 0.35
CA THR A 102 20.18 11.64 -0.56
C THR A 102 20.09 10.97 -1.93
N PRO A 103 18.91 10.70 -2.45
CA PRO A 103 18.80 10.12 -3.78
C PRO A 103 18.91 11.18 -4.85
N LYS A 104 19.06 10.73 -6.09
CA LYS A 104 18.76 11.60 -7.20
C LYS A 104 17.29 12.02 -7.11
N TYR A 105 17.00 13.31 -7.28
CA TYR A 105 15.63 13.75 -7.03
C TYR A 105 15.31 15.02 -7.80
N LYS A 106 14.01 15.27 -7.95
CA LYS A 106 13.53 16.57 -8.39
C LYS A 106 12.29 16.94 -7.58
N PHE A 107 11.94 18.21 -7.64
CA PHE A 107 10.71 18.72 -7.08
C PHE A 107 9.76 18.99 -8.23
N VAL A 108 8.60 18.36 -8.22
CA VAL A 108 7.64 18.55 -9.30
C VAL A 108 6.31 18.94 -8.69
N ARG A 109 5.54 19.70 -9.44
CA ARG A 109 4.19 20.02 -9.04
C ARG A 109 3.26 19.17 -9.89
N ILE A 110 2.47 18.33 -9.25
CA ILE A 110 1.64 17.41 -10.02
C ILE A 110 0.30 18.06 -10.34
N GLN A 111 -0.37 17.50 -11.41
CA GLN A 111 -1.67 17.91 -11.89
C GLN A 111 -2.75 17.11 -11.20
N PRO A 112 -3.93 17.68 -11.06
CA PRO A 112 -5.04 16.91 -10.51
C PRO A 112 -5.28 15.67 -11.38
N GLY A 113 -5.63 14.58 -10.72
CA GLY A 113 -5.74 13.31 -11.41
C GLY A 113 -4.50 12.45 -11.41
N GLN A 114 -3.32 13.04 -11.23
CA GLN A 114 -2.09 12.26 -11.12
C GLN A 114 -2.02 11.57 -9.76
N THR A 115 -1.29 10.45 -9.72
CA THR A 115 -1.13 9.70 -8.48
C THR A 115 0.31 9.79 -8.00
N PHE A 116 0.49 9.44 -6.73
CA PHE A 116 1.80 9.49 -6.08
C PHE A 116 1.72 8.64 -4.83
N SER A 117 2.88 8.22 -4.36
CA SER A 117 2.98 7.45 -3.14
C SER A 117 3.21 8.39 -1.98
N VAL A 118 2.58 8.08 -0.85
CA VAL A 118 2.76 8.81 0.40
C VAL A 118 3.52 7.94 1.38
N LEU A 119 4.55 8.50 2.00
CA LEU A 119 5.24 7.85 3.11
C LEU A 119 4.85 8.58 4.37
N ALA A 120 3.90 7.98 5.10
CA ALA A 120 3.41 8.57 6.32
C ALA A 120 4.43 8.34 7.42
N CYS A 121 4.77 9.41 8.13
CA CYS A 121 5.82 9.39 9.15
C CYS A 121 5.34 10.13 10.39
N TYR A 122 5.88 9.71 11.53
CA TYR A 122 5.60 10.31 12.83
C TYR A 122 6.91 10.37 13.59
N ASN A 123 7.23 11.55 14.14
CA ASN A 123 8.48 11.77 14.89
C ASN A 123 9.69 11.33 14.06
N GLY A 124 9.68 11.67 12.78
CA GLY A 124 10.78 11.37 11.93
C GLY A 124 10.90 9.92 11.52
N SER A 125 9.99 9.05 11.97
CA SER A 125 10.05 7.62 11.67
C SER A 125 8.99 7.20 10.67
N PRO A 126 9.38 6.52 9.60
CA PRO A 126 8.40 6.04 8.61
C PRO A 126 7.45 5.04 9.22
N SER A 127 6.16 5.20 8.92
CA SER A 127 5.11 4.36 9.49
CA SER A 127 5.11 4.35 9.49
C SER A 127 4.31 3.58 8.46
N GLY A 128 4.04 4.16 7.29
CA GLY A 128 3.30 3.42 6.28
C GLY A 128 3.45 4.04 4.92
N VAL A 129 3.10 3.26 3.88
CA VAL A 129 3.20 3.75 2.50
C VAL A 129 1.94 3.38 1.76
N TYR A 130 1.39 4.34 1.01
CA TYR A 130 0.19 4.06 0.22
C TYR A 130 0.08 5.04 -0.93
N GLN A 131 -0.70 4.66 -1.94
CA GLN A 131 -0.99 5.51 -3.09
C GLN A 131 -2.16 6.43 -2.84
N CYS A 132 -2.03 7.65 -3.36
CA CYS A 132 -3.03 8.71 -3.30
C CYS A 132 -3.13 9.31 -4.70
N ALA A 133 -4.20 10.02 -4.97
CA ALA A 133 -4.28 10.86 -6.14
C ALA A 133 -4.53 12.30 -5.70
N MET A 134 -4.00 13.23 -6.48
CA MET A 134 -4.40 14.61 -6.32
C MET A 134 -5.84 14.77 -6.83
N ARG A 135 -6.79 15.03 -5.92
CA ARG A 135 -8.19 15.21 -6.34
C ARG A 135 -8.33 16.42 -7.27
N PRO A 136 -9.34 16.42 -8.13
CA PRO A 136 -9.62 17.62 -8.93
C PRO A 136 -9.81 18.88 -8.10
N ASN A 137 -10.36 18.77 -6.88
CA ASN A 137 -10.51 19.88 -5.96
C ASN A 137 -9.26 20.09 -5.09
N PHE A 138 -8.15 19.43 -5.44
CA PHE A 138 -6.84 19.66 -4.83
C PHE A 138 -6.76 19.24 -3.37
N THR A 139 -7.65 18.37 -2.93
CA THR A 139 -7.41 17.64 -1.69
C THR A 139 -6.81 16.27 -2.03
N ILE A 140 -6.39 15.58 -1.00
CA ILE A 140 -6.02 14.18 -1.14
C ILE A 140 -6.71 13.40 -0.05
N LYS A 141 -7.14 12.21 -0.39
CA LYS A 141 -7.81 11.33 0.58
C LYS A 141 -6.72 10.48 1.21
N GLY A 142 -6.07 11.07 2.21
CA GLY A 142 -4.97 10.41 2.87
C GLY A 142 -5.38 9.74 4.16
N SER A 143 -4.38 9.15 4.76
CA SER A 143 -4.46 8.60 6.11
CA SER A 143 -4.44 8.60 6.11
C SER A 143 -3.31 9.29 6.86
N PHE A 144 -3.67 10.30 7.63
CA PHE A 144 -2.72 11.14 8.32
C PHE A 144 -3.30 11.45 9.68
N LEU A 145 -2.51 11.26 10.70
CA LEU A 145 -2.87 11.55 12.07
C LEU A 145 -2.07 12.72 12.62
N ASN A 146 -2.30 13.06 13.89
CA ASN A 146 -1.48 14.05 14.57
C ASN A 146 0.00 13.71 14.43
N GLY A 147 0.81 14.72 14.09
CA GLY A 147 2.24 14.51 13.93
C GLY A 147 2.69 14.01 12.54
N SER A 148 1.78 13.84 11.60
CA SER A 148 2.14 13.42 10.25
C SER A 148 2.70 14.55 9.38
N CYS A 149 2.61 15.80 9.83
CA CYS A 149 3.01 16.89 8.94
C CYS A 149 4.48 16.76 8.57
N GLY A 150 4.78 17.12 7.33
CA GLY A 150 6.08 16.93 6.76
C GLY A 150 6.28 15.58 6.10
N SER A 151 5.36 14.64 6.31
CA SER A 151 5.34 13.47 5.43
C SER A 151 5.23 13.92 3.98
N VAL A 152 5.84 13.17 3.06
CA VAL A 152 5.91 13.60 1.67
C VAL A 152 5.29 12.56 0.76
N GLY A 153 4.92 13.06 -0.42
CA GLY A 153 4.45 12.22 -1.50
C GLY A 153 5.41 12.33 -2.68
N PHE A 154 5.49 11.24 -3.45
CA PHE A 154 6.54 11.13 -4.44
C PHE A 154 6.20 10.06 -5.47
N ASN A 155 6.89 10.14 -6.61
CA ASN A 155 6.94 9.14 -7.64
C ASN A 155 8.41 8.81 -7.89
N ILE A 156 8.68 7.65 -8.49
CA ILE A 156 10.04 7.27 -8.80
C ILE A 156 10.13 6.93 -10.28
N ASP A 157 11.14 7.46 -10.95
CA ASP A 157 11.38 7.24 -12.36
C ASP A 157 12.85 6.86 -12.49
N TYR A 158 13.10 5.66 -13.03
CA TYR A 158 14.44 5.11 -13.03
C TYR A 158 14.90 5.03 -11.58
N ASP A 159 15.92 5.77 -11.20
CA ASP A 159 16.29 5.87 -9.79
C ASP A 159 16.02 7.25 -9.22
N CYS A 160 15.34 8.12 -9.98
CA CYS A 160 15.10 9.52 -9.58
C CYS A 160 13.80 9.65 -8.80
N VAL A 161 13.86 10.25 -7.61
CA VAL A 161 12.68 10.49 -6.80
C VAL A 161 12.13 11.87 -7.12
N SER A 162 10.88 11.92 -7.54
CA SER A 162 10.18 13.15 -7.85
C SER A 162 9.25 13.43 -6.67
N PHE A 163 9.65 14.38 -5.83
CA PHE A 163 8.82 14.79 -4.70
C PHE A 163 7.73 15.74 -5.17
N CYS A 164 6.48 15.45 -4.82
CA CYS A 164 5.39 16.29 -5.30
C CYS A 164 4.49 16.81 -4.19
N TYR A 165 4.63 16.36 -2.95
CA TYR A 165 3.66 16.71 -1.93
C TYR A 165 4.33 16.71 -0.56
N MET A 166 3.97 17.69 0.26
CA MET A 166 4.32 17.71 1.66
C MET A 166 3.07 17.98 2.47
N HIS A 167 2.86 17.20 3.50
CA HIS A 167 1.61 17.23 4.23
C HIS A 167 1.53 18.36 5.25
N HIS A 168 0.40 19.08 5.26
CA HIS A 168 0.18 20.18 6.23
C HIS A 168 -1.08 20.12 7.08
N MET A 169 -2.21 19.60 6.59
CA MET A 169 -3.45 19.82 7.32
C MET A 169 -4.52 18.80 6.96
N GLU A 170 -5.54 18.72 7.82
CA GLU A 170 -6.74 17.93 7.61
C GLU A 170 -7.97 18.84 7.64
N LEU A 171 -8.87 18.59 6.78
CA LEU A 171 -10.10 19.34 6.70
C LEU A 171 -11.21 18.63 7.46
N PRO A 172 -12.29 19.34 7.78
CA PRO A 172 -13.32 18.73 8.62
C PRO A 172 -13.96 17.50 8.03
N THR A 173 -13.97 17.38 6.70
CA THR A 173 -14.52 16.21 6.03
C THR A 173 -13.60 15.00 6.12
N GLY A 174 -12.39 15.16 6.66
CA GLY A 174 -11.47 14.06 6.80
C GLY A 174 -10.46 13.95 5.69
N VAL A 175 -10.56 14.77 4.65
CA VAL A 175 -9.55 14.75 3.58
C VAL A 175 -8.40 15.67 4.00
N HIS A 176 -7.37 15.74 3.15
CA HIS A 176 -6.08 16.33 3.53
C HIS A 176 -5.61 17.34 2.51
N ALA A 177 -4.79 18.28 2.98
CA ALA A 177 -4.25 19.30 2.09
C ALA A 177 -2.80 19.59 2.43
N GLY A 178 -2.07 20.02 1.42
CA GLY A 178 -0.67 20.30 1.59
C GLY A 178 -0.11 21.00 0.38
N THR A 179 1.22 21.02 0.30
CA THR A 179 1.94 21.82 -0.65
C THR A 179 2.84 20.96 -1.52
N ASP A 180 3.35 21.59 -2.58
CA ASP A 180 4.49 21.02 -3.27
C ASP A 180 5.73 21.34 -2.45
N LEU A 181 6.91 20.95 -2.94
CA LEU A 181 8.12 21.13 -2.17
C LEU A 181 8.70 22.52 -2.35
N GLU A 182 8.02 23.35 -3.14
CA GLU A 182 8.29 24.77 -3.14
C GLU A 182 7.43 25.50 -2.13
N GLY A 183 6.56 24.78 -1.40
CA GLY A 183 5.73 25.39 -0.39
C GLY A 183 4.43 26.00 -0.87
N ASN A 184 4.05 25.83 -2.13
CA ASN A 184 2.78 26.32 -2.64
C ASN A 184 1.69 25.29 -2.40
N PHE A 185 0.59 25.71 -1.78
CA PHE A 185 -0.51 24.78 -1.62
C PHE A 185 -1.09 24.30 -2.94
N TYR A 186 -1.52 23.06 -2.91
CA TYR A 186 -2.51 22.56 -3.84
C TYR A 186 -3.86 23.02 -3.29
N GLY A 187 -4.61 23.76 -4.09
CA GLY A 187 -5.93 24.18 -3.70
C GLY A 187 -5.98 25.50 -3.01
N PRO A 188 -7.18 25.91 -2.64
CA PRO A 188 -7.39 27.23 -2.08
C PRO A 188 -7.18 27.28 -0.57
N PHE A 189 -6.23 26.50 -0.07
CA PHE A 189 -6.07 26.35 1.37
C PHE A 189 -4.94 27.20 1.92
N VAL A 190 -4.98 27.39 3.23
CA VAL A 190 -4.07 28.27 3.94
C VAL A 190 -3.67 27.60 5.23
N ASP A 191 -2.38 27.73 5.58
CA ASP A 191 -1.82 27.11 6.79
C ASP A 191 -2.08 27.99 8.00
N ARG A 192 -3.36 28.08 8.31
CA ARG A 192 -3.88 28.65 9.55
C ARG A 192 -4.92 27.71 10.12
N GLN A 193 -5.02 27.67 11.46
CA GLN A 193 -5.90 26.74 12.17
C GLN A 193 -7.33 27.29 12.13
N THR A 194 -7.98 27.09 10.98
CA THR A 194 -9.36 27.48 10.75
C THR A 194 -10.03 26.36 9.96
N ALA A 195 -11.34 26.22 10.10
CA ALA A 195 -12.08 25.19 9.38
C ALA A 195 -12.21 25.60 7.93
N GLN A 196 -11.69 24.79 7.03
CA GLN A 196 -11.68 25.11 5.61
C GLN A 196 -12.39 24.01 4.82
N ALA A 197 -13.21 24.43 3.89
CA ALA A 197 -13.89 23.51 2.99
C ALA A 197 -13.23 23.60 1.63
N ALA A 198 -13.26 22.47 0.93
CA ALA A 198 -12.78 22.41 -0.44
C ALA A 198 -13.91 22.74 -1.40
N GLY A 199 -13.53 22.98 -2.63
CA GLY A 199 -14.52 23.05 -3.67
C GLY A 199 -15.12 21.68 -3.91
N THR A 200 -16.25 21.68 -4.63
CA THR A 200 -16.89 20.43 -4.97
C THR A 200 -15.93 19.54 -5.75
N ASP A 201 -15.81 18.31 -5.30
CA ASP A 201 -14.95 17.37 -5.98
C ASP A 201 -15.68 16.75 -7.14
N THR A 202 -14.90 16.26 -8.08
CA THR A 202 -15.36 15.60 -9.26
C THR A 202 -14.59 14.29 -9.35
N THR A 203 -15.04 13.41 -10.22
CA THR A 203 -14.40 12.12 -10.42
C THR A 203 -13.44 12.17 -11.60
N ILE A 204 -12.30 11.47 -11.49
CA ILE A 204 -11.22 11.55 -12.48
C ILE A 204 -11.52 10.54 -13.58
N THR A 205 -12.11 11.03 -14.68
CA THR A 205 -12.70 10.18 -15.70
C THR A 205 -11.64 9.32 -16.41
N VAL A 206 -10.53 9.92 -16.78
CA VAL A 206 -9.48 9.14 -17.46
C VAL A 206 -9.01 7.99 -16.60
N ASN A 207 -9.00 8.17 -15.28
CA ASN A 207 -8.60 7.10 -14.37
C ASN A 207 -9.67 6.03 -14.24
N VAL A 208 -10.94 6.43 -14.20
CA VAL A 208 -11.99 5.39 -14.15
C VAL A 208 -11.89 4.53 -15.39
N LEU A 209 -11.62 5.16 -16.53
CA LEU A 209 -11.51 4.37 -17.76
C LEU A 209 -10.30 3.45 -17.71
N ALA A 210 -9.15 3.94 -17.24
CA ALA A 210 -8.00 3.06 -17.06
C ALA A 210 -8.37 1.86 -16.20
N TRP A 211 -9.09 2.09 -15.11
CA TRP A 211 -9.44 0.99 -14.21
C TRP A 211 -10.43 0.02 -14.85
N LEU A 212 -11.38 0.51 -15.66
CA LEU A 212 -12.23 -0.42 -16.40
C LEU A 212 -11.39 -1.29 -17.35
N TYR A 213 -10.40 -0.70 -18.03
CA TYR A 213 -9.51 -1.50 -18.88
C TYR A 213 -8.75 -2.55 -18.05
N ALA A 214 -8.33 -2.17 -16.85
CA ALA A 214 -7.69 -3.15 -15.97
C ALA A 214 -8.66 -4.26 -15.60
N ALA A 215 -9.93 -3.94 -15.38
CA ALA A 215 -10.88 -5.00 -15.05
C ALA A 215 -11.03 -5.95 -16.24
N VAL A 216 -10.98 -5.42 -17.46
CA VAL A 216 -11.10 -6.27 -18.63
C VAL A 216 -9.90 -7.20 -18.73
N ILE A 217 -8.69 -6.64 -18.70
CA ILE A 217 -7.45 -7.41 -18.72
C ILE A 217 -7.52 -8.59 -17.75
N ASN A 218 -8.07 -8.40 -16.57
CA ASN A 218 -8.15 -9.46 -15.58
C ASN A 218 -9.46 -10.25 -15.66
N GLY A 219 -10.22 -10.12 -16.76
CA GLY A 219 -11.33 -11.00 -17.06
C GLY A 219 -12.72 -10.41 -16.83
N ASP A 220 -12.83 -9.30 -16.12
CA ASP A 220 -14.13 -8.66 -15.91
C ASP A 220 -14.61 -8.00 -17.20
N ARG A 221 -15.78 -8.40 -17.70
CA ARG A 221 -16.32 -7.78 -18.91
C ARG A 221 -17.81 -7.50 -18.81
N TRP A 222 -18.45 -7.73 -17.67
CA TRP A 222 -19.90 -7.67 -17.62
C TRP A 222 -20.44 -6.29 -18.00
N PHE A 223 -19.62 -5.25 -17.87
CA PHE A 223 -20.08 -3.87 -18.06
C PHE A 223 -19.91 -3.38 -19.49
N LEU A 224 -19.12 -4.06 -20.33
CA LEU A 224 -18.97 -3.66 -21.73
C LEU A 224 -20.33 -3.70 -22.45
N ASN A 225 -20.40 -3.01 -23.59
CA ASN A 225 -21.61 -3.03 -24.39
C ASN A 225 -21.29 -2.75 -25.85
N ARG A 226 -22.32 -2.93 -26.69
CA ARG A 226 -22.22 -2.70 -28.13
C ARG A 226 -22.26 -1.22 -28.48
N PHE A 227 -22.90 -0.40 -27.65
CA PHE A 227 -23.10 1.00 -27.97
C PHE A 227 -21.77 1.70 -28.25
N THR A 228 -21.89 2.87 -28.86
CA THR A 228 -20.77 3.76 -29.06
C THR A 228 -21.24 5.17 -28.71
N THR A 229 -20.28 6.07 -28.64
CA THR A 229 -20.58 7.44 -28.25
C THR A 229 -19.53 8.32 -28.90
N THR A 230 -19.92 9.55 -29.19
CA THR A 230 -18.93 10.53 -29.55
C THR A 230 -18.27 11.05 -28.27
N LEU A 231 -17.11 11.67 -28.47
CA LEU A 231 -16.41 12.25 -27.34
C LEU A 231 -17.24 13.36 -26.71
N ASN A 232 -17.81 14.22 -27.54
CA ASN A 232 -18.57 15.34 -27.00
C ASN A 232 -19.76 14.85 -26.20
N ASP A 233 -20.49 13.86 -26.73
CA ASP A 233 -21.69 13.39 -26.04
C ASP A 233 -21.33 12.64 -24.77
N PHE A 234 -20.24 11.90 -24.77
CA PHE A 234 -19.78 11.31 -23.51
C PHE A 234 -19.51 12.41 -22.50
N ASN A 235 -18.82 13.48 -22.92
CA ASN A 235 -18.45 14.54 -21.99
C ASN A 235 -19.69 15.30 -21.47
N LEU A 236 -20.77 15.36 -22.24
CA LEU A 236 -21.99 15.96 -21.70
C LEU A 236 -22.51 15.13 -20.55
N VAL A 237 -22.51 13.81 -20.70
CA VAL A 237 -23.03 12.94 -19.65
C VAL A 237 -22.09 12.97 -18.47
N ALA A 238 -20.78 12.91 -18.73
CA ALA A 238 -19.80 13.02 -17.66
C ALA A 238 -20.01 14.25 -16.80
N MET A 239 -20.09 15.43 -17.41
CA MET A 239 -20.23 16.63 -16.62
C MET A 239 -21.54 16.60 -15.84
N LYS A 240 -22.56 15.95 -16.40
CA LYS A 240 -23.84 15.86 -15.69
C LYS A 240 -23.67 15.11 -14.37
N TYR A 241 -22.78 14.13 -14.36
CA TYR A 241 -22.52 13.32 -13.17
C TYR A 241 -21.29 13.75 -12.39
N ASN A 242 -20.85 14.99 -12.59
CA ASN A 242 -19.67 15.56 -11.90
C ASN A 242 -18.44 14.68 -12.10
N TYR A 243 -18.28 14.18 -13.32
CA TYR A 243 -17.02 13.62 -13.81
C TYR A 243 -16.27 14.69 -14.60
N GLU A 244 -14.92 14.66 -14.49
CA GLU A 244 -14.09 15.59 -15.23
C GLU A 244 -14.21 15.37 -16.73
N PRO A 245 -14.01 16.41 -17.53
CA PRO A 245 -13.99 16.20 -18.97
C PRO A 245 -12.86 15.28 -19.38
N LEU A 246 -13.10 14.55 -20.46
CA LEU A 246 -12.09 13.69 -21.09
C LEU A 246 -11.60 14.43 -22.33
N THR A 247 -10.29 14.66 -22.40
CA THR A 247 -9.68 15.38 -23.51
C THR A 247 -9.16 14.39 -24.55
N GLN A 248 -8.79 14.93 -25.70
CA GLN A 248 -8.16 14.11 -26.72
C GLN A 248 -6.79 13.60 -26.24
N ASP A 249 -6.05 14.39 -25.47
CA ASP A 249 -4.83 13.85 -24.86
C ASP A 249 -5.15 12.63 -23.99
N HIS A 250 -6.23 12.70 -23.18
CA HIS A 250 -6.65 11.53 -22.43
C HIS A 250 -6.93 10.35 -23.33
N VAL A 251 -7.63 10.57 -24.45
CA VAL A 251 -7.92 9.43 -25.29
C VAL A 251 -6.61 8.88 -25.84
N ASP A 252 -5.73 9.77 -26.27
CA ASP A 252 -4.41 9.37 -26.75
C ASP A 252 -3.69 8.54 -25.69
N ILE A 253 -3.72 9.03 -24.44
CA ILE A 253 -3.04 8.36 -23.34
C ILE A 253 -3.58 6.95 -23.14
N LEU A 254 -4.84 6.73 -23.45
CA LEU A 254 -5.43 5.42 -23.21
C LEU A 254 -5.20 4.44 -24.34
N GLY A 255 -4.53 4.87 -25.41
CA GLY A 255 -4.31 4.04 -26.56
C GLY A 255 -3.72 2.68 -26.23
N PRO A 256 -2.54 2.69 -25.60
CA PRO A 256 -1.91 1.40 -25.26
C PRO A 256 -2.88 0.45 -24.61
N LEU A 257 -3.67 0.93 -23.64
CA LEU A 257 -4.65 0.06 -23.00
C LEU A 257 -5.74 -0.34 -24.00
N SER A 258 -6.08 0.54 -24.93
CA SER A 258 -7.09 0.17 -25.92
C SER A 258 -6.56 -0.92 -26.84
N ALA A 259 -5.36 -0.72 -27.37
CA ALA A 259 -4.76 -1.73 -28.24
C ALA A 259 -4.69 -3.08 -27.53
N GLN A 260 -4.15 -3.09 -26.30
CA GLN A 260 -3.95 -4.36 -25.59
C GLN A 260 -5.25 -5.15 -25.48
N THR A 261 -6.38 -4.47 -25.27
CA THR A 261 -7.64 -5.15 -25.03
C THR A 261 -8.54 -5.20 -26.25
N GLY A 262 -8.20 -4.49 -27.31
CA GLY A 262 -9.06 -4.43 -28.48
C GLY A 262 -10.31 -3.61 -28.30
N ILE A 263 -10.35 -2.71 -27.33
CA ILE A 263 -11.56 -1.95 -27.02
C ILE A 263 -11.26 -0.49 -27.29
N ALA A 264 -12.01 0.10 -28.22
CA ALA A 264 -11.78 1.49 -28.58
C ALA A 264 -12.08 2.34 -27.37
N VAL A 265 -11.30 3.42 -27.22
CA VAL A 265 -11.51 4.30 -26.07
C VAL A 265 -12.97 4.72 -26.00
N LEU A 266 -13.53 5.21 -27.11
CA LEU A 266 -14.91 5.67 -27.08
C LEU A 266 -15.90 4.55 -26.80
N ASP A 267 -15.54 3.31 -27.13
CA ASP A 267 -16.37 2.19 -26.73
C ASP A 267 -16.37 2.03 -25.20
N MET A 268 -15.22 2.21 -24.57
CA MET A 268 -15.19 2.13 -23.11
C MET A 268 -15.91 3.33 -22.48
N CYS A 269 -15.87 4.48 -23.16
CA CYS A 269 -16.69 5.60 -22.72
C CYS A 269 -18.16 5.24 -22.74
N ALA A 270 -18.59 4.52 -23.77
CA ALA A 270 -19.98 4.08 -23.84
C ALA A 270 -20.35 3.18 -22.66
N SER A 271 -19.44 2.26 -22.28
CA SER A 271 -19.68 1.43 -21.11
C SER A 271 -19.81 2.27 -19.85
N LEU A 272 -18.89 3.23 -19.68
CA LEU A 272 -18.94 4.05 -18.49
C LEU A 272 -20.21 4.88 -18.44
N LYS A 273 -20.63 5.41 -19.60
CA LYS A 273 -21.89 6.14 -19.63
C LYS A 273 -23.01 5.26 -19.12
N GLU A 274 -23.04 4.00 -19.57
CA GLU A 274 -24.09 3.08 -19.15
C GLU A 274 -24.05 2.86 -17.64
N LEU A 275 -22.84 2.66 -17.10
CA LEU A 275 -22.70 2.49 -15.66
C LEU A 275 -23.17 3.71 -14.90
N LEU A 276 -22.87 4.92 -15.39
CA LEU A 276 -23.28 6.10 -14.66
C LEU A 276 -24.79 6.23 -14.66
N GLN A 277 -25.43 5.87 -15.77
CA GLN A 277 -26.87 6.07 -15.90
C GLN A 277 -27.66 4.97 -15.23
N ASN A 278 -27.16 3.74 -15.23
CA ASN A 278 -27.87 2.61 -14.66
C ASN A 278 -27.34 2.18 -13.30
N GLY A 279 -26.07 2.40 -13.02
CA GLY A 279 -25.48 1.86 -11.82
C GLY A 279 -24.91 0.49 -12.09
N MET A 280 -24.42 -0.13 -11.02
CA MET A 280 -23.78 -1.41 -11.13
C MET A 280 -24.72 -2.57 -10.83
N ASN A 281 -25.94 -2.29 -10.40
CA ASN A 281 -26.97 -3.32 -10.22
C ASN A 281 -26.45 -4.44 -9.32
N GLY A 282 -25.90 -4.05 -8.18
CA GLY A 282 -25.37 -4.99 -7.22
C GLY A 282 -24.00 -5.51 -7.57
N ARG A 283 -23.74 -5.72 -8.86
CA ARG A 283 -22.46 -6.24 -9.32
C ARG A 283 -21.31 -5.45 -8.73
N THR A 284 -20.10 -5.98 -8.87
CA THR A 284 -18.89 -5.30 -8.46
C THR A 284 -17.90 -5.40 -9.60
N ILE A 285 -16.92 -4.51 -9.60
CA ILE A 285 -15.83 -4.53 -10.57
C ILE A 285 -14.53 -4.58 -9.78
N LEU A 286 -13.70 -5.57 -10.06
CA LEU A 286 -12.42 -5.75 -9.36
C LEU A 286 -12.59 -5.73 -7.84
N GLY A 287 -13.77 -6.10 -7.36
CA GLY A 287 -14.02 -6.19 -5.93
C GLY A 287 -14.77 -5.00 -5.36
N SER A 288 -14.97 -3.94 -6.15
CA SER A 288 -15.53 -2.69 -5.66
C SER A 288 -16.99 -2.55 -6.06
N ALA A 289 -17.79 -2.01 -5.16
CA ALA A 289 -19.14 -1.53 -5.46
C ALA A 289 -19.15 -0.13 -6.06
N LEU A 290 -18.00 0.51 -6.19
CA LEU A 290 -17.92 1.89 -6.63
C LEU A 290 -16.91 1.99 -7.75
N LEU A 291 -17.02 3.04 -8.56
CA LEU A 291 -16.10 3.21 -9.67
C LEU A 291 -14.83 3.86 -9.13
N GLU A 292 -13.72 3.18 -9.31
CA GLU A 292 -12.43 3.61 -8.76
C GLU A 292 -11.77 4.61 -9.69
N ASP A 293 -11.28 5.73 -9.14
CA ASP A 293 -10.69 6.77 -9.99
C ASP A 293 -9.30 7.20 -9.56
N GLU A 294 -8.60 6.39 -8.76
CA GLU A 294 -7.24 6.74 -8.33
C GLU A 294 -6.20 5.78 -8.88
N PHE A 295 -6.45 5.24 -10.08
CA PHE A 295 -5.46 4.54 -10.90
C PHE A 295 -5.36 5.28 -12.23
N THR A 296 -4.17 5.75 -12.53
CA THR A 296 -3.95 6.39 -13.82
C THR A 296 -3.72 5.34 -14.89
N PRO A 297 -3.76 5.74 -16.16
CA PRO A 297 -3.35 4.81 -17.22
C PRO A 297 -1.96 4.25 -17.01
N PHE A 298 -0.99 5.11 -16.66
CA PHE A 298 0.38 4.64 -16.37
C PHE A 298 0.38 3.60 -15.24
N ASP A 299 -0.36 3.87 -14.17
CA ASP A 299 -0.47 2.94 -13.05
C ASP A 299 -0.95 1.56 -13.48
N VAL A 300 -1.97 1.52 -14.32
CA VAL A 300 -2.53 0.24 -14.74
C VAL A 300 -1.49 -0.52 -15.55
N VAL A 301 -0.86 0.19 -16.49
CA VAL A 301 0.13 -0.42 -17.38
C VAL A 301 1.30 -0.96 -16.57
N ARG A 302 1.90 -0.09 -15.75
CA ARG A 302 3.09 -0.44 -14.98
C ARG A 302 2.86 -1.67 -14.10
N GLN A 303 1.61 -2.12 -14.01
CA GLN A 303 1.26 -3.31 -13.26
C GLN A 303 0.67 -4.43 -14.13
N CYS A 304 0.37 -4.16 -15.40
CA CYS A 304 -0.12 -5.20 -16.31
C CYS A 304 0.81 -5.32 -17.51
N SER B 5 -14.53 5.82 3.25
CA SER B 5 -14.58 5.12 4.57
C SER B 5 -13.55 5.63 5.56
N GLY B 6 -12.52 6.30 5.04
CA GLY B 6 -11.41 6.71 5.87
C GLY B 6 -10.34 5.66 6.09
N PHE B 7 -10.45 4.50 5.47
CA PHE B 7 -9.47 3.42 5.60
C PHE B 7 -8.95 3.05 4.22
N ARG B 8 -7.63 2.92 4.11
CA ARG B 8 -7.02 2.38 2.90
C ARG B 8 -6.02 1.30 3.29
N LYS B 9 -5.78 0.39 2.36
CA LYS B 9 -4.67 -0.53 2.53
C LYS B 9 -3.38 0.28 2.62
N MET B 10 -2.70 0.16 3.74
CA MET B 10 -1.40 0.81 3.97
C MET B 10 -0.32 -0.25 4.15
N ALA B 11 0.74 -0.17 3.36
CA ALA B 11 1.84 -1.12 3.51
C ALA B 11 2.83 -0.59 4.54
N PHE B 12 3.72 -1.47 5.00
CA PHE B 12 4.83 -0.97 5.78
C PHE B 12 5.87 -0.36 4.87
N PRO B 13 6.64 0.60 5.38
CA PRO B 13 7.74 1.14 4.57
C PRO B 13 8.68 0.01 4.21
N SER B 14 9.10 0.00 2.95
CA SER B 14 9.75 -1.17 2.39
C SER B 14 11.27 -1.13 2.45
N GLY B 15 11.84 -0.05 2.95
CA GLY B 15 13.28 0.15 2.78
C GLY B 15 14.13 -0.94 3.41
N LYS B 16 13.75 -1.38 4.60
CA LYS B 16 14.52 -2.43 5.27
C LYS B 16 14.48 -3.72 4.48
N VAL B 17 13.41 -3.97 3.71
CA VAL B 17 13.37 -5.16 2.88
C VAL B 17 14.09 -4.94 1.55
N GLU B 18 13.99 -3.74 0.98
CA GLU B 18 14.68 -3.44 -0.25
C GLU B 18 16.18 -3.75 -0.10
N GLY B 19 16.71 -3.46 1.06
CA GLY B 19 18.14 -3.63 1.33
C GLY B 19 18.56 -5.07 1.44
N CYS B 20 17.60 -5.99 1.35
CA CYS B 20 17.85 -7.42 1.43
C CYS B 20 17.60 -8.13 0.10
N MET B 21 17.11 -7.44 -0.92
CA MET B 21 16.75 -8.13 -2.15
C MET B 21 17.95 -8.33 -3.06
N VAL B 22 18.10 -9.55 -3.55
CA VAL B 22 19.10 -9.89 -4.56
C VAL B 22 18.44 -10.69 -5.67
N GLN B 23 19.22 -11.01 -6.70
CA GLN B 23 18.77 -11.96 -7.71
C GLN B 23 19.61 -13.23 -7.67
N VAL B 24 18.95 -14.33 -8.03
CA VAL B 24 19.57 -15.64 -8.06
C VAL B 24 19.28 -16.24 -9.42
N THR B 25 20.33 -16.66 -10.13
CA THR B 25 20.15 -17.20 -11.47
C THR B 25 20.79 -18.57 -11.55
N CYS B 26 20.05 -19.49 -12.17
CA CYS B 26 20.56 -20.76 -12.65
C CYS B 26 20.31 -20.80 -14.15
N GLY B 27 21.37 -20.85 -14.92
CA GLY B 27 21.25 -20.84 -16.36
C GLY B 27 20.65 -19.55 -16.86
N THR B 28 19.44 -19.61 -17.40
CA THR B 28 18.75 -18.42 -17.87
C THR B 28 17.57 -18.06 -16.98
N THR B 29 17.40 -18.78 -15.88
CA THR B 29 16.26 -18.63 -14.99
C THR B 29 16.68 -17.74 -13.82
N THR B 30 16.09 -16.56 -13.73
CA THR B 30 16.43 -15.60 -12.71
C THR B 30 15.20 -15.37 -11.86
N LEU B 31 15.34 -15.53 -10.56
CA LEU B 31 14.30 -15.02 -9.67
C LEU B 31 14.97 -14.23 -8.56
N ASN B 32 14.18 -13.80 -7.59
CA ASN B 32 14.65 -12.99 -6.49
C ASN B 32 15.03 -13.85 -5.29
N GLY B 33 15.99 -13.34 -4.52
CA GLY B 33 16.36 -13.90 -3.24
C GLY B 33 16.42 -12.86 -2.15
N LEU B 34 16.45 -13.35 -0.91
CA LEU B 34 16.45 -12.55 0.30
C LEU B 34 17.78 -12.80 0.99
N TRP B 35 18.57 -11.73 1.13
CA TRP B 35 19.93 -11.77 1.67
C TRP B 35 19.93 -11.26 3.10
N LEU B 36 20.12 -12.17 4.05
CA LEU B 36 20.12 -11.81 5.46
C LEU B 36 21.37 -12.41 6.08
N ASP B 37 22.17 -11.60 6.77
CA ASP B 37 23.47 -12.07 7.24
C ASP B 37 24.19 -12.69 6.05
N ASP B 38 24.77 -13.88 6.18
CA ASP B 38 25.48 -14.49 5.05
C ASP B 38 24.69 -15.60 4.38
N VAL B 39 23.37 -15.51 4.35
CA VAL B 39 22.55 -16.50 3.68
C VAL B 39 21.61 -15.80 2.73
N VAL B 40 21.42 -16.39 1.56
CA VAL B 40 20.42 -15.97 0.59
C VAL B 40 19.37 -17.05 0.48
N TYR B 41 18.12 -16.64 0.68
CA TYR B 41 16.97 -17.52 0.63
C TYR B 41 16.21 -17.30 -0.67
N CYS B 42 15.84 -18.37 -1.37
CA CYS B 42 15.07 -18.20 -2.60
C CYS B 42 14.27 -19.46 -2.85
N PRO B 43 13.33 -19.42 -3.78
CA PRO B 43 12.56 -20.63 -4.09
C PRO B 43 13.43 -21.69 -4.73
N ARG B 44 13.24 -22.95 -4.30
CA ARG B 44 14.08 -24.01 -4.87
C ARG B 44 13.82 -24.22 -6.35
N HIS B 45 12.69 -23.80 -6.89
CA HIS B 45 12.50 -24.08 -8.30
C HIS B 45 13.37 -23.22 -9.21
N VAL B 46 14.24 -22.38 -8.68
CA VAL B 46 15.25 -21.74 -9.52
C VAL B 46 16.12 -22.81 -10.20
N ILE B 47 16.23 -23.99 -9.61
CA ILE B 47 17.14 -25.00 -10.19
C ILE B 47 16.46 -25.82 -11.27
N CYS B 48 15.25 -25.44 -11.62
CA CYS B 48 14.49 -26.27 -12.57
C CYS B 48 14.46 -25.70 -13.97
N THR B 49 14.78 -26.51 -14.97
CA THR B 49 14.49 -26.13 -16.33
C THR B 49 12.98 -26.27 -16.57
N SER B 50 12.50 -25.64 -17.63
CA SER B 50 11.08 -25.72 -17.94
C SER B 50 10.58 -27.16 -17.98
N GLU B 51 11.42 -28.09 -18.46
CA GLU B 51 11.00 -29.48 -18.57
C GLU B 51 11.05 -30.20 -17.22
N ASP B 52 11.86 -29.71 -16.28
CA ASP B 52 11.90 -30.29 -14.93
C ASP B 52 10.66 -29.97 -14.13
N MET B 53 9.84 -29.04 -14.58
CA MET B 53 8.86 -28.42 -13.70
C MET B 53 7.57 -29.20 -13.54
N LEU B 54 7.21 -30.10 -14.47
CA LEU B 54 5.97 -30.84 -14.29
C LEU B 54 6.08 -31.83 -13.14
N ASN B 55 7.29 -32.31 -12.85
CA ASN B 55 7.50 -33.53 -12.09
C ASN B 55 8.87 -33.52 -11.42
N PRO B 56 9.36 -32.38 -10.96
CA PRO B 56 10.77 -32.27 -10.60
C PRO B 56 11.12 -33.22 -9.48
N ASN B 57 12.33 -33.80 -9.56
CA ASN B 57 12.95 -34.49 -8.43
C ASN B 57 13.97 -33.52 -7.84
N TYR B 58 13.53 -32.73 -6.88
CA TYR B 58 14.37 -31.65 -6.37
C TYR B 58 15.64 -32.18 -5.72
N GLU B 59 15.54 -33.31 -5.02
CA GLU B 59 16.74 -33.87 -4.41
C GLU B 59 17.74 -34.27 -5.50
N ASP B 60 17.26 -34.94 -6.54
CA ASP B 60 18.15 -35.33 -7.63
C ASP B 60 18.69 -34.11 -8.35
N LEU B 61 17.83 -33.14 -8.61
CA LEU B 61 18.27 -31.94 -9.31
C LEU B 61 19.34 -31.21 -8.50
N LEU B 62 19.24 -31.22 -7.16
CA LEU B 62 20.14 -30.46 -6.34
C LEU B 62 21.50 -31.13 -6.22
N ILE B 63 21.55 -32.47 -6.21
CA ILE B 63 22.84 -33.11 -6.03
C ILE B 63 23.74 -32.86 -7.24
N ARG B 64 23.15 -32.54 -8.40
CA ARG B 64 23.91 -32.21 -9.58
C ARG B 64 24.42 -30.77 -9.56
N LYS B 65 23.95 -29.95 -8.65
CA LYS B 65 24.35 -28.55 -8.58
C LYS B 65 25.57 -28.40 -7.70
N SER B 66 26.42 -27.45 -8.05
CA SER B 66 27.54 -27.04 -7.24
C SER B 66 27.39 -25.57 -6.88
N ASN B 67 28.14 -25.13 -5.88
CA ASN B 67 28.12 -23.71 -5.49
C ASN B 67 28.37 -22.82 -6.71
N HIS B 68 29.36 -23.17 -7.53
CA HIS B 68 29.75 -22.33 -8.66
C HIS B 68 28.71 -22.31 -9.76
N ASN B 69 27.62 -23.06 -9.65
CA ASN B 69 26.54 -22.98 -10.64
C ASN B 69 25.53 -21.88 -10.33
N PHE B 70 25.60 -21.26 -9.15
CA PHE B 70 24.61 -20.29 -8.71
C PHE B 70 25.19 -18.89 -8.87
N LEU B 71 24.49 -18.03 -9.61
CA LEU B 71 24.85 -16.65 -9.81
C LEU B 71 23.96 -15.81 -8.91
N VAL B 72 24.52 -15.31 -7.82
CA VAL B 72 23.81 -14.42 -6.90
C VAL B 72 24.37 -13.03 -7.10
N GLN B 73 23.49 -12.06 -7.31
CA GLN B 73 23.90 -10.69 -7.56
C GLN B 73 23.07 -9.73 -6.74
N ALA B 74 23.75 -8.73 -6.17
CA ALA B 74 23.13 -7.56 -5.59
C ALA B 74 23.38 -6.46 -6.60
N GLY B 75 22.35 -6.06 -7.31
CA GLY B 75 22.60 -5.24 -8.48
C GLY B 75 23.41 -6.04 -9.48
N ASN B 76 24.48 -5.44 -9.99
CA ASN B 76 25.40 -6.11 -10.88
C ASN B 76 26.57 -6.75 -10.16
N VAL B 77 26.59 -6.72 -8.83
CA VAL B 77 27.74 -7.18 -8.06
C VAL B 77 27.51 -8.63 -7.67
N GLN B 78 28.37 -9.53 -8.12
CA GLN B 78 28.22 -10.94 -7.75
C GLN B 78 28.60 -11.18 -6.31
N LEU B 79 27.78 -11.99 -5.63
CA LEU B 79 28.08 -12.50 -4.30
C LEU B 79 28.44 -13.96 -4.42
N ARG B 80 29.64 -14.32 -3.97
CA ARG B 80 30.11 -15.69 -4.14
C ARG B 80 29.39 -16.64 -3.20
N VAL B 81 28.92 -17.74 -3.76
CA VAL B 81 28.20 -18.76 -3.01
C VAL B 81 29.22 -19.77 -2.50
N ILE B 82 29.17 -20.05 -1.19
CA ILE B 82 30.11 -20.96 -0.57
C ILE B 82 29.44 -22.19 0.06
N GLY B 83 28.14 -22.32 -0.07
CA GLY B 83 27.46 -23.50 0.41
C GLY B 83 26.03 -23.42 -0.05
N HIS B 84 25.37 -24.58 -0.10
CA HIS B 84 23.98 -24.60 -0.51
C HIS B 84 23.28 -25.75 0.19
N SER B 85 22.01 -25.55 0.54
CA SER B 85 21.17 -26.59 1.10
C SER B 85 19.73 -26.29 0.75
N MET B 86 18.87 -27.28 0.97
CA MET B 86 17.43 -27.13 0.73
C MET B 86 16.72 -27.35 2.05
N GLN B 87 15.80 -26.44 2.38
CA GLN B 87 14.90 -26.59 3.53
C GLN B 87 13.49 -26.52 2.98
N ASN B 88 12.80 -27.67 2.97
CA ASN B 88 11.46 -27.76 2.40
C ASN B 88 11.51 -27.20 0.99
N CYS B 89 10.76 -26.15 0.67
CA CYS B 89 10.74 -25.65 -0.70
C CYS B 89 11.62 -24.42 -0.91
N VAL B 90 12.51 -24.07 0.03
CA VAL B 90 13.42 -22.96 -0.19
C VAL B 90 14.86 -23.49 -0.26
N LEU B 91 15.64 -22.80 -1.08
CA LEU B 91 17.07 -23.00 -1.15
C LEU B 91 17.72 -21.96 -0.27
N LYS B 92 18.76 -22.38 0.46
CA LYS B 92 19.59 -21.50 1.25
C LYS B 92 20.99 -21.53 0.64
N LEU B 93 21.42 -20.38 0.15
CA LEU B 93 22.75 -20.24 -0.44
C LEU B 93 23.59 -19.47 0.55
N LYS B 94 24.62 -20.12 1.09
CA LYS B 94 25.56 -19.44 1.96
C LYS B 94 26.50 -18.63 1.08
N VAL B 95 26.71 -17.35 1.42
CA VAL B 95 27.54 -16.48 0.60
C VAL B 95 28.69 -15.97 1.47
N ASP B 96 29.72 -15.43 0.83
CA ASP B 96 30.92 -15.10 1.56
C ASP B 96 30.87 -13.72 2.16
N THR B 97 29.75 -13.02 2.05
CA THR B 97 29.61 -11.65 2.54
C THR B 97 28.34 -11.56 3.36
N ALA B 98 28.46 -11.03 4.56
CA ALA B 98 27.31 -10.77 5.40
C ALA B 98 26.66 -9.47 4.93
N ASN B 99 25.34 -9.47 4.72
CA ASN B 99 24.69 -8.26 4.22
C ASN B 99 24.75 -7.14 5.25
N PRO B 100 25.44 -6.02 4.96
CA PRO B 100 25.50 -4.92 5.93
C PRO B 100 24.19 -4.24 6.16
N LYS B 101 23.21 -4.43 5.28
CA LYS B 101 21.89 -3.84 5.49
C LYS B 101 20.91 -4.79 6.17
N THR B 102 21.37 -5.92 6.70
CA THR B 102 20.50 -6.85 7.41
C THR B 102 19.77 -6.16 8.55
N PRO B 103 18.45 -6.19 8.59
CA PRO B 103 17.73 -5.60 9.72
C PRO B 103 17.65 -6.60 10.85
N LYS B 104 17.16 -6.12 12.01
CA LYS B 104 16.64 -7.07 12.97
C LYS B 104 15.47 -7.79 12.30
N TYR B 105 15.44 -9.11 12.41
CA TYR B 105 14.40 -9.87 11.69
C TYR B 105 14.00 -11.14 12.44
N LYS B 106 12.83 -11.65 12.04
CA LYS B 106 12.27 -12.90 12.49
C LYS B 106 11.63 -13.53 11.28
N PHE B 107 11.54 -14.85 11.29
CA PHE B 107 10.75 -15.61 10.33
C PHE B 107 9.49 -16.07 11.05
N VAL B 108 8.34 -15.61 10.60
CA VAL B 108 7.07 -15.99 11.24
C VAL B 108 6.15 -16.64 10.21
N ARG B 109 5.37 -17.60 10.69
CA ARG B 109 4.36 -18.23 9.87
C ARG B 109 3.01 -17.68 10.30
N ILE B 110 2.35 -16.99 9.39
CA ILE B 110 1.17 -16.22 9.76
C ILE B 110 -0.04 -17.12 9.64
N GLN B 111 -1.17 -16.63 10.15
CA GLN B 111 -2.42 -17.37 10.04
C GLN B 111 -3.30 -16.76 8.96
N PRO B 112 -4.19 -17.56 8.38
CA PRO B 112 -5.17 -17.00 7.45
C PRO B 112 -5.90 -15.82 8.08
N GLY B 113 -6.15 -14.79 7.26
CA GLY B 113 -6.71 -13.55 7.71
C GLY B 113 -5.68 -12.48 7.98
N GLN B 114 -4.47 -12.87 8.36
CA GLN B 114 -3.46 -11.88 8.65
C GLN B 114 -3.05 -11.19 7.37
N THR B 115 -2.69 -9.92 7.51
CA THR B 115 -2.24 -9.13 6.39
C THR B 115 -0.73 -8.93 6.48
N PHE B 116 -0.16 -8.56 5.34
CA PHE B 116 1.28 -8.34 5.26
C PHE B 116 1.54 -7.52 4.01
N SER B 117 2.70 -6.88 4.00
CA SER B 117 3.12 -6.11 2.85
C SER B 117 3.95 -6.99 1.94
N VAL B 118 3.75 -6.83 0.64
CA VAL B 118 4.56 -7.52 -0.37
C VAL B 118 5.39 -6.49 -1.10
N LEU B 119 6.71 -6.74 -1.21
CA LEU B 119 7.58 -5.93 -2.04
C LEU B 119 7.78 -6.68 -3.35
N ALA B 120 7.03 -6.29 -4.37
CA ALA B 120 7.08 -6.99 -5.64
C ALA B 120 8.40 -6.66 -6.31
N CYS B 121 9.16 -7.69 -6.71
CA CYS B 121 10.50 -7.48 -7.26
C CYS B 121 10.68 -8.26 -8.54
N TYR B 122 11.53 -7.74 -9.42
CA TYR B 122 11.89 -8.40 -10.66
C TYR B 122 13.39 -8.22 -10.85
N ASN B 123 14.09 -9.32 -11.09
CA ASN B 123 15.54 -9.28 -11.30
C ASN B 123 16.23 -8.58 -10.15
N GLY B 124 15.70 -8.76 -8.94
CA GLY B 124 16.30 -8.26 -7.75
C GLY B 124 15.97 -6.82 -7.47
N SER B 125 15.17 -6.18 -8.33
CA SER B 125 14.89 -4.75 -8.26
CA SER B 125 14.89 -4.76 -8.22
C SER B 125 13.46 -4.55 -7.78
N PRO B 126 13.22 -3.81 -6.71
CA PRO B 126 11.83 -3.61 -6.28
C PRO B 126 11.03 -2.79 -7.29
N SER B 127 9.79 -3.22 -7.47
CA SER B 127 8.83 -2.57 -8.36
C SER B 127 7.78 -1.79 -7.58
N GLY B 128 7.31 -2.33 -6.47
CA GLY B 128 6.17 -1.74 -5.80
C GLY B 128 5.89 -2.47 -4.50
N VAL B 129 5.09 -1.81 -3.65
CA VAL B 129 4.74 -2.41 -2.37
C VAL B 129 3.24 -2.27 -2.14
N TYR B 130 2.64 -3.33 -1.63
CA TYR B 130 1.20 -3.30 -1.42
C TYR B 130 0.84 -4.30 -0.33
N GLN B 131 -0.33 -4.07 0.26
CA GLN B 131 -0.80 -4.89 1.35
C GLN B 131 -1.66 -6.04 0.81
N CYS B 132 -1.42 -7.25 1.33
CA CYS B 132 -2.14 -8.48 0.97
C CYS B 132 -2.76 -9.08 2.22
N ALA B 133 -3.87 -9.80 2.05
CA ALA B 133 -4.38 -10.64 3.11
C ALA B 133 -4.24 -12.11 2.73
N MET B 134 -3.83 -12.93 3.68
CA MET B 134 -3.84 -14.37 3.49
C MET B 134 -5.28 -14.86 3.56
N ARG B 135 -5.82 -15.36 2.46
CA ARG B 135 -7.18 -15.84 2.46
C ARG B 135 -7.30 -17.15 3.26
N PRO B 136 -8.52 -17.51 3.67
CA PRO B 136 -8.68 -18.74 4.44
C PRO B 136 -8.31 -19.99 3.68
N ASN B 137 -8.33 -19.95 2.35
CA ASN B 137 -7.91 -21.06 1.52
C ASN B 137 -6.41 -21.02 1.22
N PHE B 138 -5.67 -20.13 1.91
CA PHE B 138 -4.20 -20.08 1.87
C PHE B 138 -3.68 -19.58 0.53
N THR B 139 -4.43 -18.73 -0.14
CA THR B 139 -3.98 -17.99 -1.30
C THR B 139 -3.99 -16.50 -0.99
N ILE B 140 -3.23 -15.74 -1.77
CA ILE B 140 -3.27 -14.29 -1.73
C ILE B 140 -3.60 -13.76 -3.11
N LYS B 141 -4.24 -12.59 -3.11
CA LYS B 141 -4.51 -11.83 -4.34
C LYS B 141 -3.39 -10.82 -4.49
N GLY B 142 -2.29 -11.27 -5.09
CA GLY B 142 -1.18 -10.42 -5.40
C GLY B 142 -1.33 -9.77 -6.76
N SER B 143 -0.27 -9.08 -7.15
CA SER B 143 -0.06 -8.57 -8.50
C SER B 143 1.36 -9.06 -8.79
N PHE B 144 1.43 -10.29 -9.31
CA PHE B 144 2.70 -10.96 -9.55
C PHE B 144 2.80 -11.37 -11.00
N LEU B 145 3.88 -10.95 -11.65
CA LEU B 145 4.19 -11.26 -13.04
C LEU B 145 5.36 -12.25 -13.11
N ASN B 146 5.65 -12.71 -14.34
CA ASN B 146 6.84 -13.51 -14.56
C ASN B 146 8.05 -12.83 -13.94
N GLY B 147 8.89 -13.63 -13.27
CA GLY B 147 10.08 -13.12 -12.64
C GLY B 147 9.89 -12.61 -11.22
N SER B 148 8.67 -12.69 -10.68
CA SER B 148 8.39 -12.19 -9.35
C SER B 148 8.69 -13.18 -8.23
N CYS B 149 8.85 -14.47 -8.53
CA CYS B 149 9.14 -15.42 -7.48
C CYS B 149 10.34 -14.97 -6.64
N GLY B 150 10.25 -15.29 -5.36
CA GLY B 150 11.21 -14.86 -4.40
C GLY B 150 10.90 -13.52 -3.77
N SER B 151 10.00 -12.73 -4.37
CA SER B 151 9.46 -11.57 -3.66
C SER B 151 8.88 -12.03 -2.33
N VAL B 152 9.03 -11.17 -1.30
CA VAL B 152 8.61 -11.58 0.03
C VAL B 152 7.53 -10.67 0.59
N GLY B 153 6.83 -11.24 1.57
CA GLY B 153 5.83 -10.54 2.35
C GLY B 153 6.31 -10.42 3.78
N PHE B 154 5.95 -9.32 4.43
CA PHE B 154 6.53 -9.02 5.73
C PHE B 154 5.60 -8.08 6.50
N ASN B 155 5.79 -8.06 7.82
CA ASN B 155 5.32 -7.02 8.72
C ASN B 155 6.52 -6.44 9.47
N ILE B 156 6.36 -5.21 9.94
CA ILE B 156 7.45 -4.54 10.67
C ILE B 156 6.90 -4.12 12.02
N ASP B 157 7.49 -4.67 13.10
CA ASP B 157 7.22 -4.30 14.49
C ASP B 157 8.46 -3.63 15.09
N TYR B 158 8.39 -2.34 15.40
CA TYR B 158 9.47 -1.67 16.14
C TYR B 158 10.83 -1.98 15.51
N ASP B 159 10.95 -1.60 14.25
CA ASP B 159 12.16 -1.81 13.45
C ASP B 159 12.56 -3.29 13.29
N CYS B 160 11.75 -4.25 13.77
CA CYS B 160 11.99 -5.67 13.50
C CYS B 160 11.14 -6.12 12.31
N VAL B 161 11.78 -6.68 11.30
CA VAL B 161 11.07 -7.20 10.15
C VAL B 161 10.71 -8.66 10.39
N SER B 162 9.42 -8.97 10.39
CA SER B 162 8.92 -10.34 10.46
C SER B 162 8.58 -10.80 9.05
N PHE B 163 9.45 -11.61 8.46
CA PHE B 163 9.19 -12.14 7.13
C PHE B 163 8.22 -13.31 7.25
N CYS B 164 7.12 -13.27 6.48
CA CYS B 164 6.13 -14.33 6.54
C CYS B 164 5.81 -15.01 5.22
N TYR B 165 6.26 -14.50 4.09
CA TYR B 165 5.85 -15.06 2.80
C TYR B 165 6.97 -14.92 1.77
N MET B 166 7.10 -15.93 0.95
CA MET B 166 7.97 -15.91 -0.21
C MET B 166 7.17 -16.44 -1.38
N HIS B 167 7.24 -15.77 -2.51
CA HIS B 167 6.32 -16.07 -3.61
C HIS B 167 6.84 -17.18 -4.51
N HIS B 168 5.93 -18.11 -4.89
CA HIS B 168 6.34 -19.25 -5.73
C HIS B 168 5.45 -19.47 -6.96
N MET B 169 4.14 -19.18 -6.92
CA MET B 169 3.35 -19.59 -8.09
C MET B 169 1.99 -18.92 -8.16
N GLU B 170 1.36 -19.09 -9.33
CA GLU B 170 0.01 -18.62 -9.61
C GLU B 170 -0.91 -19.79 -9.91
N LEU B 171 -2.10 -19.75 -9.40
CA LEU B 171 -3.08 -20.79 -9.62
C LEU B 171 -4.00 -20.43 -10.78
N PRO B 172 -4.74 -21.42 -11.32
CA PRO B 172 -5.58 -21.15 -12.50
C PRO B 172 -6.52 -19.97 -12.34
N THR B 173 -7.09 -19.76 -11.16
CA THR B 173 -7.98 -18.63 -10.95
C THR B 173 -7.25 -17.30 -10.82
N GLY B 174 -5.93 -17.27 -11.00
CA GLY B 174 -5.20 -16.02 -10.96
C GLY B 174 -4.74 -15.57 -9.59
N VAL B 175 -5.06 -16.33 -8.53
CA VAL B 175 -4.52 -16.04 -7.20
C VAL B 175 -3.14 -16.69 -7.03
N HIS B 176 -2.50 -16.41 -5.92
CA HIS B 176 -1.07 -16.71 -5.75
C HIS B 176 -0.86 -17.55 -4.49
N ALA B 177 0.20 -18.36 -4.54
CA ALA B 177 0.57 -19.28 -3.48
C ALA B 177 2.08 -19.26 -3.26
N GLY B 178 2.48 -19.56 -2.04
CA GLY B 178 3.88 -19.54 -1.65
C GLY B 178 4.09 -20.10 -0.27
N THR B 179 5.28 -19.86 0.27
CA THR B 179 5.79 -20.49 1.47
C THR B 179 6.10 -19.44 2.52
N ASP B 180 6.34 -19.91 3.75
CA ASP B 180 7.01 -19.08 4.73
C ASP B 180 8.51 -19.12 4.43
N LEU B 181 9.32 -18.50 5.27
CA LEU B 181 10.74 -18.41 4.97
C LEU B 181 11.49 -19.65 5.44
N GLU B 182 10.81 -20.59 6.09
CA GLU B 182 11.35 -21.93 6.27
C GLU B 182 10.96 -22.86 5.12
N GLY B 183 10.30 -22.34 4.10
CA GLY B 183 10.00 -23.11 2.93
C GLY B 183 8.77 -23.99 2.98
N ASN B 184 7.95 -23.86 4.01
CA ASN B 184 6.71 -24.63 4.11
C ASN B 184 5.57 -23.86 3.46
N PHE B 185 4.94 -24.48 2.46
CA PHE B 185 3.83 -23.84 1.76
C PHE B 185 2.72 -23.50 2.74
N TYR B 186 2.05 -22.37 2.48
CA TYR B 186 0.72 -22.12 3.04
C TYR B 186 -0.27 -22.91 2.19
N GLY B 187 -1.09 -23.71 2.86
CA GLY B 187 -2.07 -24.46 2.12
C GLY B 187 -1.53 -25.78 1.60
N PRO B 188 -2.34 -26.52 0.86
CA PRO B 188 -1.93 -27.86 0.42
C PRO B 188 -1.00 -27.89 -0.79
N PHE B 189 -0.54 -26.73 -1.28
CA PHE B 189 0.01 -26.63 -2.61
C PHE B 189 1.45 -27.17 -2.66
N VAL B 190 1.90 -27.45 -3.89
CA VAL B 190 3.22 -28.02 -4.15
C VAL B 190 3.85 -27.25 -5.29
N ASP B 191 5.19 -27.14 -5.25
CA ASP B 191 5.91 -26.39 -6.28
C ASP B 191 6.25 -27.32 -7.46
N ARG B 192 5.18 -27.74 -8.12
CA ARG B 192 5.30 -28.36 -9.44
C ARG B 192 4.25 -27.74 -10.34
N GLN B 193 4.61 -27.63 -11.62
CA GLN B 193 3.79 -26.94 -12.60
C GLN B 193 2.66 -27.86 -13.09
N THR B 194 1.84 -28.31 -12.13
CA THR B 194 0.65 -29.10 -12.38
C THR B 194 -0.59 -28.30 -11.99
N ALA B 195 -1.75 -28.79 -12.43
CA ALA B 195 -3.02 -28.09 -12.17
C ALA B 195 -3.40 -28.26 -10.70
N GLN B 196 -3.57 -27.14 -10.02
CA GLN B 196 -3.91 -27.15 -8.60
C GLN B 196 -5.06 -26.18 -8.39
N ALA B 197 -5.95 -26.54 -7.49
CA ALA B 197 -7.14 -25.74 -7.23
C ALA B 197 -7.06 -25.18 -5.83
N ALA B 198 -7.29 -23.88 -5.70
CA ALA B 198 -7.53 -23.33 -4.37
C ALA B 198 -8.87 -23.83 -3.87
N GLY B 199 -8.97 -24.09 -2.58
CA GLY B 199 -10.27 -24.37 -1.99
C GLY B 199 -11.21 -23.20 -2.16
N THR B 200 -12.51 -23.48 -2.11
CA THR B 200 -13.48 -22.38 -2.17
C THR B 200 -13.15 -21.40 -1.05
N ASP B 201 -13.12 -20.13 -1.38
CA ASP B 201 -12.72 -19.17 -0.37
C ASP B 201 -13.90 -18.79 0.50
N THR B 202 -13.58 -18.28 1.68
CA THR B 202 -14.58 -17.85 2.63
C THR B 202 -14.23 -16.45 3.11
N THR B 203 -15.19 -15.82 3.79
CA THR B 203 -15.00 -14.48 4.32
C THR B 203 -14.28 -14.52 5.66
N ILE B 204 -13.35 -13.57 5.85
CA ILE B 204 -12.50 -13.57 7.04
C ILE B 204 -13.25 -12.88 8.16
N THR B 205 -13.97 -13.69 8.94
CA THR B 205 -14.85 -13.20 10.00
C THR B 205 -14.14 -12.28 10.96
N VAL B 206 -12.94 -12.67 11.41
CA VAL B 206 -12.24 -11.86 12.41
C VAL B 206 -11.98 -10.45 11.89
N ASN B 207 -11.67 -10.33 10.61
CA ASN B 207 -11.46 -9.02 10.03
C ASN B 207 -12.76 -8.25 9.83
N VAL B 208 -13.86 -8.93 9.52
CA VAL B 208 -15.14 -8.22 9.48
C VAL B 208 -15.46 -7.66 10.86
N LEU B 209 -15.24 -8.44 11.90
CA LEU B 209 -15.49 -7.91 13.24
C LEU B 209 -14.59 -6.72 13.50
N ALA B 210 -13.33 -6.78 13.08
CA ALA B 210 -12.45 -5.63 13.28
C ALA B 210 -13.03 -4.40 12.61
N TRP B 211 -13.57 -4.62 11.41
CA TRP B 211 -14.18 -3.54 10.63
C TRP B 211 -15.39 -2.95 11.33
N LEU B 212 -16.22 -3.80 11.95
CA LEU B 212 -17.36 -3.30 12.75
C LEU B 212 -16.88 -2.50 13.95
N TYR B 213 -15.87 -3.00 14.67
CA TYR B 213 -15.24 -2.19 15.70
C TYR B 213 -14.76 -0.85 15.16
N ALA B 214 -14.06 -0.84 14.01
CA ALA B 214 -13.65 0.42 13.41
C ALA B 214 -14.84 1.34 13.18
N ALA B 215 -15.93 0.81 12.65
CA ALA B 215 -17.14 1.64 12.47
C ALA B 215 -17.59 2.24 13.79
N VAL B 216 -17.62 1.43 14.84
CA VAL B 216 -18.04 1.93 16.15
C VAL B 216 -17.12 3.05 16.60
N ILE B 217 -15.81 2.87 16.45
CA ILE B 217 -14.84 3.86 16.91
C ILE B 217 -15.11 5.20 16.24
N ASN B 218 -15.59 5.18 15.00
CA ASN B 218 -15.89 6.35 14.20
C ASN B 218 -17.33 6.82 14.36
N GLY B 219 -18.07 6.24 15.28
CA GLY B 219 -19.41 6.73 15.61
C GLY B 219 -20.53 6.16 14.78
N ASP B 220 -20.27 5.08 14.04
CA ASP B 220 -21.23 4.46 13.13
C ASP B 220 -21.63 3.13 13.77
N ARG B 221 -22.73 3.13 14.53
CA ARG B 221 -22.96 2.00 15.42
C ARG B 221 -24.42 1.56 15.44
N TRP B 222 -25.13 1.80 14.33
CA TRP B 222 -26.55 1.48 14.28
C TRP B 222 -26.81 -0.02 14.44
N PHE B 223 -25.82 -0.84 14.10
CA PHE B 223 -25.94 -2.30 14.05
C PHE B 223 -25.67 -2.98 15.39
N LEU B 224 -25.32 -2.24 16.44
CA LEU B 224 -25.14 -2.86 17.75
C LEU B 224 -26.49 -3.22 18.33
N ASN B 225 -26.57 -4.36 19.04
CA ASN B 225 -27.80 -4.83 19.67
C ASN B 225 -27.55 -5.20 21.13
N ARG B 226 -28.64 -5.55 21.83
CA ARG B 226 -28.60 -5.85 23.25
C ARG B 226 -28.36 -7.33 23.54
N PHE B 227 -28.07 -8.12 22.51
CA PHE B 227 -27.97 -9.57 22.63
C PHE B 227 -26.51 -10.04 22.53
N THR B 228 -26.29 -11.31 22.88
CA THR B 228 -24.99 -11.95 22.74
C THR B 228 -25.21 -13.36 22.22
N THR B 229 -24.12 -14.10 22.08
CA THR B 229 -24.14 -15.43 21.49
C THR B 229 -22.98 -16.18 22.13
N THR B 230 -23.02 -17.50 22.01
CA THR B 230 -21.82 -18.28 22.27
C THR B 230 -21.00 -18.34 21.01
N LEU B 231 -19.73 -18.67 21.18
CA LEU B 231 -18.84 -18.78 20.05
C LEU B 231 -19.23 -19.97 19.17
N ASN B 232 -19.65 -21.05 19.80
CA ASN B 232 -20.11 -22.19 19.01
C ASN B 232 -21.35 -21.84 18.19
N ASP B 233 -22.38 -21.25 18.81
CA ASP B 233 -23.57 -20.91 18.05
C ASP B 233 -23.22 -19.97 16.91
N PHE B 234 -22.36 -18.99 17.15
CA PHE B 234 -21.98 -18.06 16.08
C PHE B 234 -21.29 -18.80 14.94
N ASN B 235 -20.36 -19.69 15.27
CA ASN B 235 -19.61 -20.38 14.24
C ASN B 235 -20.51 -21.24 13.35
N LEU B 236 -21.49 -21.91 13.94
CA LEU B 236 -22.39 -22.74 13.14
C LEU B 236 -23.24 -21.88 12.22
N VAL B 237 -23.65 -20.70 12.67
CA VAL B 237 -24.37 -19.81 11.78
C VAL B 237 -23.43 -19.26 10.71
N ALA B 238 -22.27 -18.78 11.13
CA ALA B 238 -21.38 -18.13 10.17
C ALA B 238 -21.06 -19.05 9.00
N MET B 239 -20.86 -20.36 9.25
CA MET B 239 -20.48 -21.27 8.18
C MET B 239 -21.58 -21.38 7.15
N LYS B 240 -22.84 -21.16 7.54
CA LYS B 240 -23.95 -21.20 6.59
C LYS B 240 -23.90 -20.01 5.64
N TYR B 241 -23.15 -18.96 5.98
CA TYR B 241 -23.03 -17.79 5.12
C TYR B 241 -21.64 -17.71 4.48
N ASN B 242 -20.88 -18.80 4.50
CA ASN B 242 -19.54 -18.89 3.90
C ASN B 242 -18.57 -17.94 4.60
N TYR B 243 -18.82 -17.71 5.89
CA TYR B 243 -17.90 -17.03 6.79
C TYR B 243 -17.05 -18.06 7.51
N GLU B 244 -15.79 -17.71 7.76
CA GLU B 244 -14.89 -18.57 8.51
C GLU B 244 -15.34 -18.69 9.96
N PRO B 245 -15.22 -19.86 10.57
CA PRO B 245 -15.43 -19.93 12.02
C PRO B 245 -14.31 -19.20 12.74
N LEU B 246 -14.67 -18.65 13.90
CA LEU B 246 -13.70 -18.00 14.76
C LEU B 246 -12.92 -19.01 15.60
N THR B 247 -11.66 -18.73 15.79
CA THR B 247 -10.81 -19.44 16.72
C THR B 247 -10.65 -18.66 18.01
N GLN B 248 -10.08 -19.33 19.01
CA GLN B 248 -9.75 -18.64 20.24
C GLN B 248 -8.75 -17.54 19.98
N ASP B 249 -7.80 -17.76 19.07
CA ASP B 249 -6.81 -16.73 18.77
C ASP B 249 -7.49 -15.49 18.17
N HIS B 250 -8.52 -15.71 17.34
CA HIS B 250 -9.31 -14.60 16.80
C HIS B 250 -9.96 -13.78 17.91
N VAL B 251 -10.55 -14.46 18.87
CA VAL B 251 -11.19 -13.77 19.97
C VAL B 251 -10.14 -12.97 20.71
N ASP B 252 -8.95 -13.55 20.87
CA ASP B 252 -7.86 -12.89 21.57
C ASP B 252 -7.38 -11.62 20.86
N ILE B 253 -7.22 -11.67 19.54
CA ILE B 253 -6.65 -10.52 18.85
C ILE B 253 -7.68 -9.41 18.69
N LEU B 254 -8.95 -9.70 18.94
CA LEU B 254 -9.97 -8.65 19.02
C LEU B 254 -9.98 -7.98 20.38
N GLY B 255 -9.16 -8.45 21.33
CA GLY B 255 -9.18 -7.92 22.68
C GLY B 255 -9.01 -6.41 22.77
N PRO B 256 -7.99 -5.90 22.13
CA PRO B 256 -7.75 -4.45 22.22
C PRO B 256 -8.90 -3.60 21.69
N LEU B 257 -9.56 -4.00 20.60
CA LEU B 257 -10.68 -3.22 20.08
C LEU B 257 -11.90 -3.36 20.98
N SER B 258 -12.08 -4.55 21.53
CA SER B 258 -13.15 -4.77 22.48
C SER B 258 -12.97 -3.87 23.69
N ALA B 259 -11.75 -3.75 24.17
CA ALA B 259 -11.47 -2.90 25.33
C ALA B 259 -11.63 -1.43 24.98
N GLN B 260 -11.22 -1.04 23.77
CA GLN B 260 -11.30 0.36 23.36
C GLN B 260 -12.74 0.83 23.23
N THR B 261 -13.65 -0.05 22.78
CA THR B 261 -15.06 0.28 22.57
C THR B 261 -15.96 -0.20 23.70
N GLY B 262 -15.50 -1.12 24.53
CA GLY B 262 -16.32 -1.65 25.59
C GLY B 262 -17.36 -2.62 25.10
N ILE B 263 -17.25 -3.09 23.88
CA ILE B 263 -18.20 -4.05 23.33
C ILE B 263 -17.52 -5.40 23.35
N ALA B 264 -18.08 -6.32 24.14
CA ALA B 264 -17.53 -7.66 24.22
C ALA B 264 -17.50 -8.30 22.84
N VAL B 265 -16.48 -9.13 22.61
CA VAL B 265 -16.34 -9.81 21.33
C VAL B 265 -17.61 -10.56 20.96
N LEU B 266 -18.14 -11.37 21.90
CA LEU B 266 -19.33 -12.18 21.59
C LEU B 266 -20.57 -11.32 21.34
N ASP B 267 -20.65 -10.13 21.96
CA ASP B 267 -21.74 -9.23 21.61
C ASP B 267 -21.58 -8.72 20.19
N MET B 268 -20.34 -8.42 19.77
CA MET B 268 -20.19 -7.99 18.39
C MET B 268 -20.53 -9.14 17.46
N CYS B 269 -20.19 -10.37 17.87
CA CYS B 269 -20.56 -11.52 17.05
C CYS B 269 -22.08 -11.59 16.89
N ALA B 270 -22.82 -11.27 17.94
CA ALA B 270 -24.27 -11.27 17.82
C ALA B 270 -24.76 -10.19 16.84
N SER B 271 -24.12 -9.03 16.83
CA SER B 271 -24.49 -8.02 15.86
C SER B 271 -24.18 -8.48 14.44
N LEU B 272 -23.04 -9.11 14.25
CA LEU B 272 -22.70 -9.61 12.93
C LEU B 272 -23.69 -10.67 12.49
N LYS B 273 -24.01 -11.60 13.38
CA LYS B 273 -24.95 -12.65 13.04
C LYS B 273 -26.27 -12.08 12.55
N GLU B 274 -26.74 -10.99 13.19
CA GLU B 274 -27.96 -10.35 12.73
C GLU B 274 -27.78 -9.72 11.35
N LEU B 275 -26.64 -9.09 11.08
CA LEU B 275 -26.41 -8.57 9.75
C LEU B 275 -26.44 -9.70 8.73
N LEU B 276 -25.86 -10.85 9.06
CA LEU B 276 -25.82 -11.96 8.11
C LEU B 276 -27.22 -12.50 7.85
N GLN B 277 -27.99 -12.66 8.91
CA GLN B 277 -29.33 -13.26 8.80
C GLN B 277 -30.35 -12.30 8.24
N ASN B 278 -30.23 -11.01 8.54
CA ASN B 278 -31.20 -10.03 8.10
C ASN B 278 -30.71 -9.15 6.98
N GLY B 279 -29.43 -9.13 6.70
CA GLY B 279 -28.90 -8.25 5.68
C GLY B 279 -28.86 -6.81 6.14
N MET B 280 -28.39 -5.96 5.23
CA MET B 280 -28.14 -4.55 5.54
C MET B 280 -29.40 -3.70 5.37
N ASN B 281 -30.34 -4.12 4.52
CA ASN B 281 -31.59 -3.39 4.34
C ASN B 281 -31.33 -1.94 3.96
N GLY B 282 -30.50 -1.75 2.92
CA GLY B 282 -30.26 -0.43 2.38
C GLY B 282 -29.32 0.43 3.19
N ARG B 283 -28.88 -0.03 4.35
CA ARG B 283 -28.01 0.74 5.21
C ARG B 283 -26.56 0.56 4.78
N THR B 284 -25.69 1.42 5.31
CA THR B 284 -24.27 1.34 5.05
C THR B 284 -23.51 1.33 6.37
N ILE B 285 -22.28 0.83 6.31
CA ILE B 285 -21.35 0.84 7.43
C ILE B 285 -20.07 1.43 6.92
N LEU B 286 -19.63 2.52 7.55
CA LEU B 286 -18.48 3.28 7.07
C LEU B 286 -18.60 3.61 5.59
N GLY B 287 -19.83 3.92 5.15
CA GLY B 287 -20.06 4.34 3.79
C GLY B 287 -20.35 3.26 2.80
N SER B 288 -20.21 2.00 3.18
CA SER B 288 -20.27 0.90 2.22
C SER B 288 -21.39 -0.04 2.60
N ALA B 289 -22.08 -0.56 1.58
CA ALA B 289 -23.08 -1.58 1.80
C ALA B 289 -22.45 -2.95 2.01
N LEU B 290 -21.17 -3.09 1.74
CA LEU B 290 -20.56 -4.39 1.89
C LEU B 290 -19.48 -4.35 2.97
N LEU B 291 -19.34 -5.48 3.64
CA LEU B 291 -18.43 -5.62 4.76
C LEU B 291 -17.03 -5.94 4.27
N GLU B 292 -16.07 -5.22 4.78
CA GLU B 292 -14.67 -5.40 4.41
C GLU B 292 -14.04 -6.49 5.26
N ASP B 293 -13.27 -7.39 4.62
CA ASP B 293 -12.62 -8.44 5.39
C ASP B 293 -11.11 -8.50 5.20
N GLU B 294 -10.47 -7.43 4.69
CA GLU B 294 -9.02 -7.42 4.55
C GLU B 294 -8.30 -6.41 5.44
N PHE B 295 -8.95 -5.94 6.50
CA PHE B 295 -8.33 -5.16 7.57
C PHE B 295 -8.34 -5.94 8.88
N THR B 296 -7.15 -6.25 9.39
CA THR B 296 -7.06 -6.97 10.65
C THR B 296 -7.30 -6.04 11.83
N PRO B 297 -7.47 -6.63 13.01
CA PRO B 297 -7.59 -5.80 14.20
C PRO B 297 -6.40 -4.90 14.39
N PHE B 298 -5.20 -5.38 14.06
CA PHE B 298 -4.00 -4.54 14.14
C PHE B 298 -4.05 -3.41 13.12
N ASP B 299 -4.45 -3.73 11.88
CA ASP B 299 -4.60 -2.70 10.84
C ASP B 299 -5.52 -1.58 11.31
N VAL B 300 -6.62 -1.95 11.95
CA VAL B 300 -7.59 -0.92 12.37
C VAL B 300 -6.96 -0.03 13.42
N VAL B 301 -6.29 -0.63 14.40
CA VAL B 301 -5.67 0.20 15.44
C VAL B 301 -4.58 1.08 14.83
N ARG B 302 -3.82 0.53 13.88
CA ARG B 302 -2.75 1.27 13.21
C ARG B 302 -3.28 2.55 12.56
N GLN B 303 -4.46 2.48 11.93
CA GLN B 303 -4.99 3.62 11.19
C GLN B 303 -5.83 4.57 12.05
N CYS B 304 -6.49 4.06 13.10
CA CYS B 304 -7.28 4.90 13.98
C CYS B 304 -6.42 5.58 15.05
N SER B 305 -5.25 5.01 15.38
CA SER B 305 -4.37 5.51 16.44
C SER B 305 -2.98 5.88 15.93
C14 A1AGB C . -4.88 20.93 11.23
C7 A1AGB C . -3.49 16.59 12.35
N4 A1AGB C . -8.82 22.52 10.03
C2 A1AGB C . -1.02 18.30 11.46
C5 A1AGB C . -3.68 15.81 10.10
C6 A1AGB C . -4.68 15.65 12.20
N3 A1AGB C . -4.00 21.91 11.52
N1 A1AGB C . -4.52 15.10 10.86
C19 A1AGB C . -11.71 20.89 11.69
C15 A1AGB C . -6.82 22.29 11.68
C13 A1AGB C . -2.39 24.29 9.39
C11 A1AGB C . -2.30 24.33 10.89
C16 A1AGB C . -7.39 22.24 10.27
C18 A1AGB C . -10.38 21.08 11.35
C8 A1AGB C . -1.93 20.56 11.75
C9 A1AGB C . -2.60 21.76 11.10
C10 A1AGB C . -1.78 23.01 11.44
N2 A1AGB C . -1.58 19.55 10.95
O1 A1AGB C . 1.05 19.39 12.11
C12 A1AGB C . -1.41 25.48 11.37
C4 A1AGB C . -3.10 16.94 10.92
C3 A1AGB C . -1.60 17.10 10.69
C1 A1AGB C . 0.50 18.33 11.34
C17 A1AGB C . -9.86 22.46 11.05
C20 A1AGB C . -12.20 19.63 11.98
O2 A1AGB C . -3.43 15.60 8.92
C21 A1AGB C . -11.36 18.53 11.95
C22 A1AGB C . -10.05 18.74 11.61
C23 A1AGB C . -9.55 19.98 11.31
C24 A1AGB C . -9.04 22.82 8.74
C25 A1AGB C . -7.72 23.20 8.14
C26 A1AGB C . -6.81 23.34 9.37
O3 A1AGB C . -6.07 21.07 11.86
F1 A1AGB C . -9.22 17.67 11.57
O4 A1AGB C . -10.13 22.85 8.18
O5 A1AGB C . -4.67 20.07 10.42
O6 A1AGB C . -1.69 20.57 12.96
C1 A1AGA D . 0.42 18.33 11.33
C10 A1AGA D . -1.95 22.95 11.50
C11 A1AGA D . -2.45 24.32 11.02
C12 A1AGA D . -1.53 25.44 11.48
C2 A1AGA D . -1.09 18.36 11.44
C3 A1AGA D . -1.72 17.19 10.67
C4 A1AGA D . -3.21 17.02 10.94
C5 A1AGA D . -3.83 15.90 10.13
C6 A1AGA D . -4.77 15.73 12.25
C7 A1AGA D . -3.57 16.66 12.38
C8 A1AGA D . -2.30 20.47 11.73
C9 A1AGA D . -2.81 21.76 11.09
N2 A1AGA D . -1.59 19.64 10.96
O1 A1AGA D . 0.96 17.12 11.86
O3 A1AGA D . -6.25 21.07 11.85
O5 A1AGA D . -4.86 20.11 10.36
C13 A1AGA D . -2.59 24.33 9.51
C14 A1AGA D . -5.06 20.96 11.18
C15 A1AGA D . -6.99 22.31 11.73
C16 A1AGA D . -7.56 22.30 10.33
C17 A1AGA D . -10.01 22.54 11.16
C18 A1AGA D . -10.53 21.17 11.48
C19 A1AGA D . -11.86 20.98 11.84
C20 A1AGA D . -12.35 19.73 12.14
C21 A1AGA D . -11.52 18.63 12.11
C22 A1AGA D . -10.22 18.83 11.76
C23 A1AGA D . -9.70 20.05 11.45
C24 A1AGA D . -9.23 22.87 8.83
C25 A1AGA D . -7.92 23.29 8.22
C26 A1AGA D . -7.00 23.41 9.43
F1 A1AGA D . -9.39 17.75 11.72
N1 A1AGA D . -4.62 15.17 10.92
N3 A1AGA D . -4.20 21.95 11.45
N4 A1AGA D . -8.99 22.58 10.12
O2 A1AGA D . -3.62 15.69 8.93
O4 A1AGA D . -10.34 22.89 8.29
O6 A1AGA D . -2.60 20.19 12.89
C1 A1AGA E . 8.06 -17.42 -10.45
C10 A1AGA E . 6.98 -22.33 -10.95
C11 A1AGA E . 6.64 -23.78 -10.63
C12 A1AGA E . 7.89 -24.65 -10.54
C2 A1AGA E . 6.72 -17.69 -11.13
C3 A1AGA E . 5.64 -16.69 -10.74
C4 A1AGA E . 4.40 -16.77 -11.62
C5 A1AGA E . 3.22 -15.99 -11.11
C6 A1AGA E . 3.28 -15.62 -13.41
C7 A1AGA E . 4.61 -16.23 -13.03
C8 A1AGA E . 6.21 -20.05 -11.66
C9 A1AGA E . 5.77 -21.40 -11.13
N2 A1AGA E . 6.29 -19.05 -10.77
O1 A1AGA E . 8.59 -16.17 -10.84
O3 A1AGA E . 2.98 -22.40 -13.10
O5 A1AGA E . 3.06 -20.68 -11.59
C13 A1AGA E . 5.83 -23.89 -9.34
C14 A1AGA E . 3.57 -21.62 -12.17
C15 A1AGA E . 1.57 -22.32 -13.33
C16 A1AGA E . 0.84 -22.91 -12.14
C17 A1AGA E . -1.23 -23.56 -13.58
C18 A1AGA E . -1.40 -22.16 -14.10
C19 A1AGA E . -2.26 -21.28 -13.48
C20 A1AGA E . -2.43 -19.99 -13.96
C21 A1AGA E . -1.72 -19.56 -15.07
C22 A1AGA E . -0.87 -20.44 -15.67
C23 A1AGA E . -0.70 -21.73 -15.22
C24 A1AGA E . -0.70 -24.46 -11.36
C25 A1AGA E . 0.56 -24.63 -10.54
C26 A1AGA E . 1.63 -24.02 -11.44
F1 A1AGA E . -0.17 -20.04 -16.76
N1 A1AGA E . 2.65 -15.34 -12.12
N3 A1AGA E . 4.84 -22.04 -12.02
N4 A1AGA E . -0.39 -23.67 -12.39
O2 A1AGA E . 2.84 -15.95 -9.93
O4 A1AGA E . -1.79 -25.01 -11.16
O6 A1AGA E . 6.45 -19.89 -12.85
C14 A1AGB F . 3.46 -21.61 -12.15
C7 A1AGB F . 4.51 -16.16 -12.96
N4 A1AGB F . -0.50 -23.65 -12.35
C2 A1AGB F . 6.64 -17.62 -11.09
C5 A1AGB F . 3.17 -15.84 -11.02
C6 A1AGB F . 3.18 -15.55 -13.34
N3 A1AGB F . 4.74 -21.98 -12.02
N1 A1AGB F . 2.59 -15.22 -12.04
C19 A1AGB F . -2.33 -21.25 -13.43
C15 A1AGB F . 1.47 -22.33 -13.31
C13 A1AGB F . 5.68 -23.78 -9.30
C11 A1AGB F . 6.50 -23.69 -10.56
C16 A1AGB F . 0.75 -22.91 -12.11
C18 A1AGB F . -1.48 -22.13 -14.05
C8 A1AGB F . 6.06 -19.95 -11.64
C9 A1AGB F . 5.65 -21.32 -11.11
C10 A1AGB F . 6.85 -22.24 -10.89
N2 A1AGB F . 6.22 -18.98 -10.74
O1 A1AGB F . 8.97 -18.23 -10.89
C12 A1AGB F . 7.76 -24.55 -10.43
C4 A1AGB F . 4.30 -16.68 -11.55
C3 A1AGB F . 5.56 -16.62 -10.68
C1 A1AGB F . 7.98 -17.33 -10.44
C17 A1AGB F . -1.32 -23.53 -13.54
C20 A1AGB F . -2.49 -19.95 -13.90
O2 A1AGB F . 2.81 -15.76 -9.84
C21 A1AGB F . -1.80 -19.53 -15.02
C22 A1AGB F . -0.97 -20.41 -15.62
C23 A1AGB F . -0.80 -21.70 -15.19
C24 A1AGB F . -0.81 -24.43 -11.30
C25 A1AGB F . 0.44 -24.60 -10.48
C26 A1AGB F . 1.52 -24.03 -11.40
O3 A1AGB F . 2.89 -22.40 -13.08
F1 A1AGB F . -0.27 -20.01 -16.72
O4 A1AGB F . -1.91 -24.96 -11.11
O5 A1AGB F . 2.92 -20.72 -11.53
O6 A1AGB F . 6.18 -19.78 -12.86
O2 PG4 G . 26.61 -6.01 -2.48
C3 PG4 G . 26.75 -5.07 -1.43
C4 PG4 G . 25.53 -4.26 -1.23
O3 PG4 G . 24.38 -5.08 -1.11
C5 PG4 G . 23.55 -4.69 0.00
C6 PG4 G . 22.17 -5.16 -0.30
O4 PG4 G . 21.59 -4.28 -1.25
C7 PG4 G . 20.56 -4.95 -1.96
C8 PG4 G . 19.82 -3.95 -2.80
O5 PG4 G . 20.59 -3.63 -3.96
#